data_1VRO
# 
_entry.id   1VRO 
# 
_audit_conform.dict_name       mmcif_pdbx.dic 
_audit_conform.dict_version    5.383 
_audit_conform.dict_location   http://mmcif.pdb.org/dictionaries/ascii/mmcif_pdbx.dic 
# 
loop_
_database_2.database_id 
_database_2.database_code 
_database_2.pdbx_database_accession 
_database_2.pdbx_DOI 
PDB   1VRO         pdb_00001vro 10.2210/pdb1vro/pdb 
NDB   ZD0015       ?            ?                   
RCSB  RCSB002092   ?            ?                   
WWPDB D_1000002092 ?            ?                   
# 
loop_
_pdbx_audit_revision_history.ordinal 
_pdbx_audit_revision_history.data_content_type 
_pdbx_audit_revision_history.major_revision 
_pdbx_audit_revision_history.minor_revision 
_pdbx_audit_revision_history.revision_date 
1 'Structure model' 1 0 2005-04-19 
2 'Structure model' 1 1 2008-04-27 
3 'Structure model' 1 2 2011-07-13 
4 'Structure model' 1 3 2019-07-24 
5 'Structure model' 1 4 2023-12-27 
# 
_pdbx_audit_revision_details.ordinal             1 
_pdbx_audit_revision_details.revision_ordinal    1 
_pdbx_audit_revision_details.data_content_type   'Structure model' 
_pdbx_audit_revision_details.provider            repository 
_pdbx_audit_revision_details.type                'Initial release' 
_pdbx_audit_revision_details.description         ? 
_pdbx_audit_revision_details.details             ? 
# 
loop_
_pdbx_audit_revision_group.ordinal 
_pdbx_audit_revision_group.revision_ordinal 
_pdbx_audit_revision_group.data_content_type 
_pdbx_audit_revision_group.group 
1 2 'Structure model' 'Version format compliance' 
2 3 'Structure model' 'Version format compliance' 
3 4 'Structure model' 'Data collection'           
4 4 'Structure model' 'Derived calculations'      
5 4 'Structure model' 'Refinement description'    
6 5 'Structure model' 'Data collection'           
7 5 'Structure model' 'Database references'       
8 5 'Structure model' 'Derived calculations'      
# 
loop_
_pdbx_audit_revision_category.ordinal 
_pdbx_audit_revision_category.revision_ordinal 
_pdbx_audit_revision_category.data_content_type 
_pdbx_audit_revision_category.category 
1 4 'Structure model' software               
2 4 'Structure model' struct_conn            
3 5 'Structure model' chem_comp_atom         
4 5 'Structure model' chem_comp_bond         
5 5 'Structure model' database_2             
6 5 'Structure model' pdbx_struct_conn_angle 
7 5 'Structure model' struct_conn            
8 5 'Structure model' struct_site            
# 
loop_
_pdbx_audit_revision_item.ordinal 
_pdbx_audit_revision_item.revision_ordinal 
_pdbx_audit_revision_item.data_content_type 
_pdbx_audit_revision_item.item 
1  4 'Structure model' '_software.classification'                    
2  4 'Structure model' '_software.name'                              
3  4 'Structure model' '_struct_conn.pdbx_leaving_atom_flag'         
4  5 'Structure model' '_database_2.pdbx_DOI'                        
5  5 'Structure model' '_database_2.pdbx_database_accession'         
6  5 'Structure model' '_pdbx_struct_conn_angle.ptnr1_auth_comp_id'  
7  5 'Structure model' '_pdbx_struct_conn_angle.ptnr1_auth_seq_id'   
8  5 'Structure model' '_pdbx_struct_conn_angle.ptnr1_label_asym_id' 
9  5 'Structure model' '_pdbx_struct_conn_angle.ptnr1_label_atom_id' 
10 5 'Structure model' '_pdbx_struct_conn_angle.ptnr1_label_comp_id' 
11 5 'Structure model' '_pdbx_struct_conn_angle.ptnr1_label_seq_id'  
12 5 'Structure model' '_pdbx_struct_conn_angle.ptnr3_auth_comp_id'  
13 5 'Structure model' '_pdbx_struct_conn_angle.ptnr3_auth_seq_id'   
14 5 'Structure model' '_pdbx_struct_conn_angle.ptnr3_label_asym_id' 
15 5 'Structure model' '_pdbx_struct_conn_angle.ptnr3_label_atom_id' 
16 5 'Structure model' '_pdbx_struct_conn_angle.ptnr3_label_comp_id' 
17 5 'Structure model' '_pdbx_struct_conn_angle.ptnr3_label_seq_id'  
18 5 'Structure model' '_pdbx_struct_conn_angle.value'               
19 5 'Structure model' '_struct_conn.pdbx_dist_value'                
20 5 'Structure model' '_struct_conn.ptnr1_auth_comp_id'             
21 5 'Structure model' '_struct_conn.ptnr1_auth_seq_id'              
22 5 'Structure model' '_struct_conn.ptnr1_label_asym_id'            
23 5 'Structure model' '_struct_conn.ptnr1_label_atom_id'            
24 5 'Structure model' '_struct_conn.ptnr1_label_comp_id'            
25 5 'Structure model' '_struct_conn.ptnr1_label_seq_id'             
26 5 'Structure model' '_struct_conn.ptnr2_auth_comp_id'             
27 5 'Structure model' '_struct_conn.ptnr2_auth_seq_id'              
28 5 'Structure model' '_struct_conn.ptnr2_label_asym_id'            
29 5 'Structure model' '_struct_conn.ptnr2_label_atom_id'            
30 5 'Structure model' '_struct_conn.ptnr2_label_comp_id'            
31 5 'Structure model' '_struct_conn.ptnr2_label_seq_id'             
32 5 'Structure model' '_struct_site.pdbx_auth_asym_id'              
33 5 'Structure model' '_struct_site.pdbx_auth_comp_id'              
34 5 'Structure model' '_struct_site.pdbx_auth_seq_id'               
# 
_pdbx_database_PDB_obs_spr.id               SPRSDE 
_pdbx_database_PDB_obs_spr.date             2005-04-19 
_pdbx_database_PDB_obs_spr.pdb_id           1vro 
_pdbx_database_PDB_obs_spr.replace_pdb_id   1n6s 
_pdbx_database_PDB_obs_spr.details          ? 
# 
_pdbx_database_status.status_code                     REL 
_pdbx_database_status.entry_id                        1VRO 
_pdbx_database_status.recvd_initial_deposition_date   2005-04-14 
_pdbx_database_status.deposit_site                    RCSB 
_pdbx_database_status.process_site                    RCSB 
_pdbx_database_status.status_code_sf                  REL 
_pdbx_database_status.status_code_mr                  ? 
_pdbx_database_status.SG_entry                        ? 
_pdbx_database_status.pdb_format_compatible           Y 
_pdbx_database_status.status_code_cs                  ? 
_pdbx_database_status.methods_development_category    ? 
_pdbx_database_status.status_code_nmr_data            ? 
# 
loop_
_audit_author.name 
_audit_author.pdbx_ordinal 
'Wilds, C.J.'    1 
'Pattanayek, R.' 2 
'Pan, C.'        3 
'Wawrzak, Z.'    4 
'Egli, M.'       5 
# 
_citation.id                        primary 
_citation.title                     
'Selenium-Assisted Nucleic Acid Crystallography: Use of Phosphoroselenoates for MAD Phasing of a DNA Structure' 
_citation.journal_abbrev            J.Am.Chem.Soc. 
_citation.journal_volume            124 
_citation.page_first                14910 
_citation.page_last                 14916 
_citation.year                      2002 
_citation.journal_id_ASTM           JACSAT 
_citation.country                   US 
_citation.journal_id_ISSN           0002-7863 
_citation.journal_id_CSD            0004 
_citation.book_publisher            ? 
_citation.pdbx_database_id_PubMed   12475332 
_citation.pdbx_database_id_DOI      10.1021/ja021058b 
# 
loop_
_citation_author.citation_id 
_citation_author.name 
_citation_author.ordinal 
_citation_author.identifier_ORCID 
primary 'Wilds, C.J.'    1 ? 
primary 'Pattanayek, R.' 2 ? 
primary 'Pan, C.'        3 ? 
primary 'Wawrzak, Z.'    4 ? 
primary 'Egli, M.'       5 ? 
# 
loop_
_entity.id 
_entity.type 
_entity.src_method 
_entity.pdbx_description 
_entity.formula_weight 
_entity.pdbx_number_of_molecules 
_entity.pdbx_ec 
_entity.pdbx_mutation 
_entity.pdbx_fragment 
_entity.details 
1 polymer     syn "5'-D(*CP*(GMS)P*CP*GP*CP*G)-3'" 1873.166 2  ? ? ? ? 
2 non-polymer syn SPERMINE                         202.340  1  ? ? ? ? 
3 non-polymer syn 'MAGNESIUM ION'                  24.305   1  ? ? ? ? 
4 water       nat water                            18.015   73 ? ? ? ? 
# 
_entity_poly.entity_id                      1 
_entity_poly.type                           polydeoxyribonucleotide 
_entity_poly.nstd_linkage                   no 
_entity_poly.nstd_monomer                   yes 
_entity_poly.pdbx_seq_one_letter_code       '(DC)(GMS)(DC)(DG)(DC)(DG)' 
_entity_poly.pdbx_seq_one_letter_code_can   CGCGCG 
_entity_poly.pdbx_strand_id                 A,B 
_entity_poly.pdbx_target_identifier         ? 
# 
loop_
_pdbx_entity_nonpoly.entity_id 
_pdbx_entity_nonpoly.name 
_pdbx_entity_nonpoly.comp_id 
2 SPERMINE        SPM 
3 'MAGNESIUM ION' MG  
4 water           HOH 
# 
loop_
_entity_poly_seq.entity_id 
_entity_poly_seq.num 
_entity_poly_seq.mon_id 
_entity_poly_seq.hetero 
1 1 DC  n 
1 2 GMS n 
1 3 DC  n 
1 4 DG  n 
1 5 DC  n 
1 6 DG  n 
# 
_pdbx_entity_src_syn.entity_id              1 
_pdbx_entity_src_syn.pdbx_src_id            1 
_pdbx_entity_src_syn.pdbx_alt_source_flag   sample 
_pdbx_entity_src_syn.pdbx_beg_seq_num       ? 
_pdbx_entity_src_syn.pdbx_end_seq_num       ? 
_pdbx_entity_src_syn.organism_scientific    ? 
_pdbx_entity_src_syn.organism_common_name   ? 
_pdbx_entity_src_syn.ncbi_taxonomy_id       ? 
_pdbx_entity_src_syn.details                
;synthesized with a solid-phase oligonucleotide synthesizer using DNA phosphoramidites and potassium selenocyanide for introducing the phosphoroselenoate linkage
;
# 
loop_
_chem_comp.id 
_chem_comp.type 
_chem_comp.mon_nstd_flag 
_chem_comp.name 
_chem_comp.pdbx_synonyms 
_chem_comp.formula 
_chem_comp.formula_weight 
DC  'DNA linking' y "2'-DEOXYCYTIDINE-5'-MONOPHOSPHATE"        ? 'C9 H14 N3 O7 P'     307.197 
DG  'DNA linking' y "2'-DEOXYGUANOSINE-5'-MONOPHOSPHATE"       ? 'C10 H14 N5 O7 P'    347.221 
GMS 'DNA linking' n "2'-DEOXYGUANOSINE-5'-MONOSELENOPHOSPHATE" ? 'C10 H14 N5 O6 P Se' 410.182 
HOH non-polymer   . WATER                                      ? 'H2 O'               18.015  
MG  non-polymer   . 'MAGNESIUM ION'                            ? 'Mg 2'               24.305  
SPM non-polymer   . SPERMINE                                   ? 'C10 H26 N4'         202.340 
# 
loop_
_pdbx_poly_seq_scheme.asym_id 
_pdbx_poly_seq_scheme.entity_id 
_pdbx_poly_seq_scheme.seq_id 
_pdbx_poly_seq_scheme.mon_id 
_pdbx_poly_seq_scheme.ndb_seq_num 
_pdbx_poly_seq_scheme.pdb_seq_num 
_pdbx_poly_seq_scheme.auth_seq_num 
_pdbx_poly_seq_scheme.pdb_mon_id 
_pdbx_poly_seq_scheme.auth_mon_id 
_pdbx_poly_seq_scheme.pdb_strand_id 
_pdbx_poly_seq_scheme.pdb_ins_code 
_pdbx_poly_seq_scheme.hetero 
A 1 1 DC  1 1   1   DC  C   A . n 
A 1 2 GMS 2 2   2   GMS GMS A . n 
A 1 3 DC  3 3   3   DC  C   A . n 
A 1 4 DG  4 4   4   DG  G   A . n 
A 1 5 DC  5 5   5   DC  C   A . n 
A 1 6 DG  6 6   6   DG  G   A . n 
B 1 1 DC  1 107 107 DC  C   B . n 
B 1 2 GMS 2 108 108 GMS GMS B . n 
B 1 3 DC  3 109 109 DC  C   B . n 
B 1 4 DG  4 110 110 DG  G   B . n 
B 1 5 DC  5 111 111 DC  C   B . n 
B 1 6 DG  6 112 112 DG  G   B . n 
# 
loop_
_pdbx_nonpoly_scheme.asym_id 
_pdbx_nonpoly_scheme.entity_id 
_pdbx_nonpoly_scheme.mon_id 
_pdbx_nonpoly_scheme.ndb_seq_num 
_pdbx_nonpoly_scheme.pdb_seq_num 
_pdbx_nonpoly_scheme.auth_seq_num 
_pdbx_nonpoly_scheme.pdb_mon_id 
_pdbx_nonpoly_scheme.auth_mon_id 
_pdbx_nonpoly_scheme.pdb_strand_id 
_pdbx_nonpoly_scheme.pdb_ins_code 
C 2 SPM 1  201 201 SPM SPM A . 
D 3 MG  1  301 301 MG  MG  B . 
E 4 HOH 1  401 401 HOH HOH A . 
E 4 HOH 2  402 402 HOH HOH A . 
E 4 HOH 3  405 405 HOH HOH A . 
E 4 HOH 4  406 406 HOH HOH A . 
E 4 HOH 5  407 407 HOH HOH A . 
E 4 HOH 6  408 408 HOH HOH A . 
E 4 HOH 7  410 410 HOH HOH A . 
E 4 HOH 8  411 411 HOH HOH A . 
E 4 HOH 9  415 415 HOH HOH A . 
E 4 HOH 10 416 416 HOH HOH A . 
E 4 HOH 11 417 417 HOH HOH A . 
E 4 HOH 12 419 419 HOH HOH A . 
E 4 HOH 13 424 424 HOH HOH A . 
E 4 HOH 14 426 426 HOH HOH A . 
E 4 HOH 15 430 430 HOH HOH A . 
E 4 HOH 16 432 432 HOH HOH A . 
E 4 HOH 17 433 433 HOH HOH A . 
E 4 HOH 18 436 436 HOH HOH A . 
E 4 HOH 19 438 438 HOH HOH A . 
E 4 HOH 20 441 441 HOH HOH A . 
E 4 HOH 21 442 442 HOH HOH A . 
E 4 HOH 22 443 443 HOH HOH A . 
E 4 HOH 23 446 446 HOH HOH A . 
E 4 HOH 24 447 447 HOH HOH A . 
E 4 HOH 25 450 450 HOH HOH A . 
E 4 HOH 26 451 451 HOH HOH A . 
E 4 HOH 27 453 453 HOH HOH A . 
E 4 HOH 28 454 454 HOH HOH A . 
E 4 HOH 29 455 455 HOH HOH A . 
E 4 HOH 30 457 457 HOH HOH A . 
E 4 HOH 31 458 458 HOH HOH A . 
E 4 HOH 32 459 459 HOH HOH A . 
E 4 HOH 33 460 460 HOH HOH A . 
E 4 HOH 34 461 461 HOH HOH A . 
E 4 HOH 35 463 463 HOH HOH A . 
E 4 HOH 36 464 464 HOH HOH A . 
E 4 HOH 37 469 469 HOH HOH A . 
F 4 HOH 1  403 403 HOH HOH B . 
F 4 HOH 2  404 404 HOH HOH B . 
F 4 HOH 3  409 409 HOH HOH B . 
F 4 HOH 4  412 412 HOH HOH B . 
F 4 HOH 5  413 413 HOH HOH B . 
F 4 HOH 6  414 414 HOH HOH B . 
F 4 HOH 7  418 418 HOH HOH B . 
F 4 HOH 8  420 420 HOH HOH B . 
F 4 HOH 9  421 421 HOH HOH B . 
F 4 HOH 10 422 422 HOH HOH B . 
F 4 HOH 11 423 423 HOH HOH B . 
F 4 HOH 12 425 425 HOH HOH B . 
F 4 HOH 13 427 427 HOH HOH B . 
F 4 HOH 14 428 428 HOH HOH B . 
F 4 HOH 15 429 429 HOH HOH B . 
F 4 HOH 16 431 431 HOH HOH B . 
F 4 HOH 17 434 434 HOH HOH B . 
F 4 HOH 18 435 435 HOH HOH B . 
F 4 HOH 19 437 437 HOH HOH B . 
F 4 HOH 20 439 439 HOH HOH B . 
F 4 HOH 21 440 440 HOH HOH B . 
F 4 HOH 22 444 444 HOH HOH B . 
F 4 HOH 23 445 445 HOH HOH B . 
F 4 HOH 24 448 448 HOH HOH B . 
F 4 HOH 25 449 449 HOH HOH B . 
F 4 HOH 26 452 452 HOH HOH B . 
F 4 HOH 27 456 456 HOH HOH B . 
F 4 HOH 28 462 462 HOH HOH B . 
F 4 HOH 29 465 465 HOH HOH B . 
F 4 HOH 30 466 466 HOH HOH B . 
F 4 HOH 31 467 467 HOH HOH B . 
F 4 HOH 32 468 468 HOH HOH B . 
F 4 HOH 33 470 470 HOH HOH B . 
F 4 HOH 34 471 471 HOH HOH B . 
F 4 HOH 35 472 472 HOH HOH B . 
F 4 HOH 36 473 473 HOH HOH B . 
# 
loop_
_software.name 
_software.classification 
_software.version 
_software.citation_id 
_software.pdbx_ordinal 
SHELXL-97 refinement       . ? 1 
SCALEPACK 'data scaling'   . ? 2 
CNS       refinement       . ? 3 
DENZO     'data reduction' . ? 4 
CNS       phasing          . ? 5 
# 
_cell.entry_id           1VRO 
_cell.length_a           17.778 
_cell.length_b           31.348 
_cell.length_c           44.116 
_cell.angle_alpha        90.00 
_cell.angle_beta         90.00 
_cell.angle_gamma        90.00 
_cell.pdbx_unique_axis   ? 
_cell.Z_PDB              8 
# 
_symmetry.entry_id                         1VRO 
_symmetry.space_group_name_H-M             'P 21 21 21' 
_symmetry.pdbx_full_space_group_name_H-M   ? 
_symmetry.Int_Tables_number                19 
_symmetry.cell_setting                     ? 
_symmetry.space_group_name_Hall            ? 
# 
_exptl.entry_id          1VRO 
_exptl.method            'X-RAY DIFFRACTION' 
_exptl.crystals_number   1 
# 
_exptl_crystal.id                    1 
_exptl_crystal.density_meas          ? 
_exptl_crystal.density_Matthews      1.32 
_exptl_crystal.density_percent_sol   5.98 
_exptl_crystal.description           ? 
_exptl_crystal.F_000                 ? 
_exptl_crystal.preparation           ? 
# 
_exptl_crystal_grow.crystal_id      1 
_exptl_crystal_grow.method          'VAPOR DIFFUSION, SITTING DROP' 
_exptl_crystal_grow.temp            291.0 
_exptl_crystal_grow.temp_details    ? 
_exptl_crystal_grow.pH              7.0 
_exptl_crystal_grow.pdbx_details    
;0.5mM DNA, 4mM-15mM magnesium chloride, 50mM sodium cacodylate, 2mM-8mM spermine tetrahydrochloride and reservoir 30% 2-methyl-2,4-pentanediol, pH 7.0, VAPOR DIFFUSION, SITTING DROP, temperature 291.0K
;
_exptl_crystal_grow.pdbx_pH_range   . 
# 
loop_
_exptl_crystal_grow_comp.crystal_id 
_exptl_crystal_grow_comp.id 
_exptl_crystal_grow_comp.sol_id 
_exptl_crystal_grow_comp.name 
_exptl_crystal_grow_comp.volume 
_exptl_crystal_grow_comp.conc 
_exptl_crystal_grow_comp.details 
1 1 1 DNA                           ? ? ? 
1 2 1 MgCl                          ? ? ? 
1 3 1 'sodium cacodylate'           ? ? ? 
1 4 1 'spermine tetrahydrochloride' ? ? ? 
1 5 2 MPD                           ? ? ? 
# 
_diffrn.id                     1 
_diffrn.ambient_temp           120 
_diffrn.ambient_temp_details   ? 
_diffrn.crystal_id             1 
# 
_diffrn_detector.diffrn_id              1 
_diffrn_detector.detector               CCD 
_diffrn_detector.type                   MARRESEARCH 
_diffrn_detector.pdbx_collection_date   2002-01-22 
_diffrn_detector.details                ? 
# 
_diffrn_radiation.diffrn_id                        1 
_diffrn_radiation.wavelength_id                    1 
_diffrn_radiation.pdbx_monochromatic_or_laue_m_l   M 
_diffrn_radiation.monochromator                    graphite 
_diffrn_radiation.pdbx_diffrn_protocol             MAD 
_diffrn_radiation.pdbx_scattering_type             x-ray 
# 
loop_
_diffrn_radiation_wavelength.id 
_diffrn_radiation_wavelength.wavelength 
_diffrn_radiation_wavelength.wt 
1 0.9561 1.0 
2 0.9787 1.0 
3 0.9784 1.0 
# 
_diffrn_source.diffrn_id                   1 
_diffrn_source.source                      SYNCHROTRON 
_diffrn_source.type                        'APS BEAMLINE 5ID-B' 
_diffrn_source.pdbx_synchrotron_site       APS 
_diffrn_source.pdbx_synchrotron_beamline   5ID-B 
_diffrn_source.pdbx_wavelength             ? 
_diffrn_source.pdbx_wavelength_list        '0.9561, 0.9787, 0.9784' 
# 
_reflns.entry_id                     1VRO 
_reflns.observed_criterion_sigma_F   0.0 
_reflns.observed_criterion_sigma_I   0.0 
_reflns.d_resolution_high            1.1 
_reflns.d_resolution_low             20.0 
_reflns.number_all                   10197 
_reflns.number_obs                   9718 
_reflns.percent_possible_obs         97.7 
_reflns.pdbx_Rmerge_I_obs            0.041 
_reflns.pdbx_Rsym_value              ? 
_reflns.pdbx_netI_over_sigmaI        22.7 
_reflns.B_iso_Wilson_estimate        ? 
_reflns.pdbx_redundancy              7.47 
_reflns.R_free_details               ? 
_reflns.pdbx_chi_squared             ? 
_reflns.pdbx_scaling_rejects         ? 
_reflns.pdbx_diffrn_id               1 
_reflns.pdbx_ordinal                 1 
# 
_reflns_shell.d_res_high             1.10 
_reflns_shell.d_res_low              1.14 
_reflns_shell.percent_possible_all   95.4 
_reflns_shell.Rmerge_I_obs           0.075 
_reflns_shell.pdbx_Rsym_value        ? 
_reflns_shell.meanI_over_sigI_obs    15.85 
_reflns_shell.pdbx_redundancy        7.47 
_reflns_shell.percent_possible_obs   ? 
_reflns_shell.number_unique_all      1802 
_reflns_shell.number_measured_all    ? 
_reflns_shell.number_measured_obs    ? 
_reflns_shell.number_unique_obs      ? 
_reflns_shell.pdbx_chi_squared       ? 
_reflns_shell.pdbx_diffrn_id         ? 
_reflns_shell.pdbx_ordinal           1 
# 
_refine.entry_id                                 1VRO 
_refine.ls_d_res_high                            1.10 
_refine.ls_d_res_low                             20.0 
_refine.pdbx_ls_sigma_F                          0.0 
_refine.pdbx_ls_sigma_I                          0.0 
_refine.ls_number_reflns_all                     9718 
_refine.ls_number_reflns_obs                     9718 
_refine.ls_number_reflns_R_free                  508 
_refine.ls_percent_reflns_obs                    97.7 
_refine.ls_R_factor_all                          ? 
_refine.ls_R_factor_obs                          ? 
_refine.ls_R_factor_R_work                       0.097 
_refine.ls_R_factor_R_free                       0.129 
_refine.ls_redundancy_reflns_obs                 ? 
_refine.pdbx_data_cutoff_high_absF               ? 
_refine.pdbx_data_cutoff_low_absF                ? 
_refine.ls_number_parameters                     3005 
_refine.ls_number_restraints                     5144 
_refine.ls_percent_reflns_R_free                 ? 
_refine.ls_R_factor_R_free_error                 ? 
_refine.ls_R_factor_R_free_error_details         ? 
_refine.pdbx_method_to_determine_struct          MAD 
_refine.pdbx_starting_model                      ? 
_refine.pdbx_ls_cross_valid_method               ? 
_refine.pdbx_R_Free_selection_details            random 
_refine.pdbx_stereochem_target_val_spec_case     ? 
_refine.pdbx_stereochemistry_target_values       'Engh & Huber' 
_refine.solvent_model_details                    ? 
_refine.solvent_model_param_bsol                 ? 
_refine.solvent_model_param_ksol                 ? 
_refine.occupancy_max                            ? 
_refine.occupancy_min                            ? 
_refine.pdbx_isotropic_thermal_model             ? 
_refine.B_iso_mean                               6.9 
_refine.aniso_B[1][1]                            ? 
_refine.aniso_B[1][2]                            ? 
_refine.aniso_B[1][3]                            ? 
_refine.aniso_B[2][2]                            ? 
_refine.aniso_B[2][3]                            ? 
_refine.aniso_B[3][3]                            ? 
_refine.details                                  Shelx-97 
_refine.correlation_coeff_Fo_to_Fc               ? 
_refine.correlation_coeff_Fo_to_Fc_free          ? 
_refine.pdbx_solvent_vdw_probe_radii             ? 
_refine.pdbx_solvent_ion_probe_radii             ? 
_refine.pdbx_solvent_shrinkage_radii             ? 
_refine.overall_SU_R_Cruickshank_DPI             ? 
_refine.overall_SU_R_free                        ? 
_refine.overall_SU_B                             ? 
_refine.overall_SU_ML                            ? 
_refine.pdbx_overall_ESU_R                       ? 
_refine.pdbx_overall_ESU_R_Free                  ? 
_refine.pdbx_data_cutoff_high_rms_absF           ? 
_refine.ls_wR_factor_R_free                      ? 
_refine.ls_wR_factor_R_work                      ? 
_refine.overall_FOM_free_R_set                   ? 
_refine.overall_FOM_work_R_set                   ? 
_refine.pdbx_refine_id                           'X-RAY DIFFRACTION' 
_refine.pdbx_diffrn_id                           1 
_refine.pdbx_TLS_residual_ADP_flag               ? 
_refine.pdbx_overall_phase_error                 ? 
_refine.pdbx_overall_SU_R_free_Cruickshank_DPI   ? 
_refine.pdbx_overall_SU_R_Blow_DPI               ? 
_refine.pdbx_overall_SU_R_free_Blow_DPI          ? 
# 
_refine_hist.pdbx_refine_id                   'X-RAY DIFFRACTION' 
_refine_hist.cycle_id                         LAST 
_refine_hist.pdbx_number_atoms_protein        0 
_refine_hist.pdbx_number_atoms_nucleic_acid   245 
_refine_hist.pdbx_number_atoms_ligand         15 
_refine_hist.number_atoms_solvent             73 
_refine_hist.number_atoms_total               333 
_refine_hist.d_res_high                       1.10 
_refine_hist.d_res_low                        20.0 
# 
loop_
_refine_ls_restr.type 
_refine_ls_restr.dev_ideal 
_refine_ls_restr.dev_ideal_target 
_refine_ls_restr.weight 
_refine_ls_restr.number 
_refine_ls_restr.pdbx_refine_id 
_refine_ls_restr.pdbx_restraint_function 
s_bond_d  0.028 ? ? ? 'X-RAY DIFFRACTION' ? 
s_angle_d 0.022 ? ? ? 'X-RAY DIFFRACTION' ? 
# 
_pdbx_refine.entry_id                                    1VRO 
_pdbx_refine.R_factor_all_no_cutoff                      ? 
_pdbx_refine.R_factor_obs_no_cutoff                      0.097 
_pdbx_refine.number_reflns_obs_no_cutoff                 9718 
_pdbx_refine.free_R_factor_no_cutoff                     0.129 
_pdbx_refine.free_R_val_test_set_ct_no_cutoff            508 
_pdbx_refine.free_R_val_test_set_size_perc_no_cutoff     5 
_pdbx_refine.R_factor_all_4sig_cutoff                    ? 
_pdbx_refine.R_factor_obs_4sig_cutoff                    0.096 
_pdbx_refine.number_reflns_obs_4sig_cutoff               9692 
_pdbx_refine.free_R_factor_4sig_cutoff                   0.129 
_pdbx_refine.free_R_val_test_set_ct_4sig_cutoff          508 
_pdbx_refine.free_R_val_test_set_size_perc_4sig_cutoff   5 
_pdbx_refine.pdbx_refine_id                              'X-RAY DIFFRACTION' 
_pdbx_refine.free_R_error_no_cutoff                      ? 
# 
_struct.entry_id                  1VRO 
_struct.title                     
'Selenium-Assisted Nucleic Acid Crystallography: Use of Phosphoroselenoates for MAD Phasing of a DNA Structure' 
_struct.pdbx_model_details        ? 
_struct.pdbx_CASP_flag            ? 
_struct.pdbx_model_type_details   ? 
# 
_struct_keywords.entry_id        1VRO 
_struct_keywords.pdbx_keywords   DNA 
_struct_keywords.text            
;Left-handed Z-DNA, phosphoroselenoate, multiwavelength anomalous dispersion (MAD), covalent modification of oligonucleotides, oligonucleotide analogue, phasing strategy, synchrotron, DNA
;
# 
loop_
_struct_asym.id 
_struct_asym.pdbx_blank_PDB_chainid_flag 
_struct_asym.pdbx_modified 
_struct_asym.entity_id 
_struct_asym.details 
A N N 1 ? 
B N N 1 ? 
C N N 2 ? 
D N N 3 ? 
E N N 4 ? 
F N N 4 ? 
# 
_struct_ref.id                         1 
_struct_ref.entity_id                  1 
_struct_ref.db_name                    PDB 
_struct_ref.db_code                    1VRO 
_struct_ref.pdbx_db_accession          1VRO 
_struct_ref.pdbx_db_isoform            ? 
_struct_ref.pdbx_seq_one_letter_code   ? 
_struct_ref.pdbx_align_begin           ? 
# 
loop_
_struct_ref_seq.align_id 
_struct_ref_seq.ref_id 
_struct_ref_seq.pdbx_PDB_id_code 
_struct_ref_seq.pdbx_strand_id 
_struct_ref_seq.seq_align_beg 
_struct_ref_seq.pdbx_seq_align_beg_ins_code 
_struct_ref_seq.seq_align_end 
_struct_ref_seq.pdbx_seq_align_end_ins_code 
_struct_ref_seq.pdbx_db_accession 
_struct_ref_seq.db_align_beg 
_struct_ref_seq.pdbx_db_align_beg_ins_code 
_struct_ref_seq.db_align_end 
_struct_ref_seq.pdbx_db_align_end_ins_code 
_struct_ref_seq.pdbx_auth_seq_align_beg 
_struct_ref_seq.pdbx_auth_seq_align_end 
1 1 1VRO A 1 ? 6 ? 1VRO 1   ? 6   ? 1   6   
2 1 1VRO B 1 ? 6 ? 1VRO 107 ? 112 ? 107 112 
# 
_pdbx_struct_assembly.id                   1 
_pdbx_struct_assembly.details              author_defined_assembly 
_pdbx_struct_assembly.method_details       ? 
_pdbx_struct_assembly.oligomeric_details   dimeric 
_pdbx_struct_assembly.oligomeric_count     2 
# 
_pdbx_struct_assembly_gen.assembly_id       1 
_pdbx_struct_assembly_gen.oper_expression   1 
_pdbx_struct_assembly_gen.asym_id_list      A,B,C,D,E,F 
# 
_pdbx_struct_oper_list.id                   1 
_pdbx_struct_oper_list.type                 'identity operation' 
_pdbx_struct_oper_list.name                 1_555 
_pdbx_struct_oper_list.symmetry_operation   x,y,z 
_pdbx_struct_oper_list.matrix[1][1]         1.0000000000 
_pdbx_struct_oper_list.matrix[1][2]         0.0000000000 
_pdbx_struct_oper_list.matrix[1][3]         0.0000000000 
_pdbx_struct_oper_list.vector[1]            0.0000000000 
_pdbx_struct_oper_list.matrix[2][1]         0.0000000000 
_pdbx_struct_oper_list.matrix[2][2]         1.0000000000 
_pdbx_struct_oper_list.matrix[2][3]         0.0000000000 
_pdbx_struct_oper_list.vector[2]            0.0000000000 
_pdbx_struct_oper_list.matrix[3][1]         0.0000000000 
_pdbx_struct_oper_list.matrix[3][2]         0.0000000000 
_pdbx_struct_oper_list.matrix[3][3]         1.0000000000 
_pdbx_struct_oper_list.vector[3]            0.0000000000 
# 
loop_
_struct_conn.id 
_struct_conn.conn_type_id 
_struct_conn.pdbx_leaving_atom_flag 
_struct_conn.pdbx_PDB_id 
_struct_conn.ptnr1_label_asym_id 
_struct_conn.ptnr1_label_comp_id 
_struct_conn.ptnr1_label_seq_id 
_struct_conn.ptnr1_label_atom_id 
_struct_conn.pdbx_ptnr1_label_alt_id 
_struct_conn.pdbx_ptnr1_PDB_ins_code 
_struct_conn.pdbx_ptnr1_standard_comp_id 
_struct_conn.ptnr1_symmetry 
_struct_conn.ptnr2_label_asym_id 
_struct_conn.ptnr2_label_comp_id 
_struct_conn.ptnr2_label_seq_id 
_struct_conn.ptnr2_label_atom_id 
_struct_conn.pdbx_ptnr2_label_alt_id 
_struct_conn.pdbx_ptnr2_PDB_ins_code 
_struct_conn.ptnr1_auth_asym_id 
_struct_conn.ptnr1_auth_comp_id 
_struct_conn.ptnr1_auth_seq_id 
_struct_conn.ptnr2_auth_asym_id 
_struct_conn.ptnr2_auth_comp_id 
_struct_conn.ptnr2_auth_seq_id 
_struct_conn.ptnr2_symmetry 
_struct_conn.pdbx_ptnr3_label_atom_id 
_struct_conn.pdbx_ptnr3_label_seq_id 
_struct_conn.pdbx_ptnr3_label_comp_id 
_struct_conn.pdbx_ptnr3_label_asym_id 
_struct_conn.pdbx_ptnr3_label_alt_id 
_struct_conn.pdbx_ptnr3_PDB_ins_code 
_struct_conn.details 
_struct_conn.pdbx_dist_value 
_struct_conn.pdbx_value_order 
_struct_conn.pdbx_role 
covale1  covale one  ? A DC  1 "O3'" A ? ? 1_555 A GMS 2 P  A ? A DC  1   A GMS 2   1_555 ? ? ? ? ? ? ?            1.599 ? ? 
covale2  covale one  ? A DC  1 "O3'" B ? ? 1_555 A GMS 2 P  B ? A DC  1   A GMS 2   1_555 ? ? ? ? ? ? ?            1.587 ? ? 
covale3  covale both ? A GMS 2 "O3'" ? ? ? 1_555 A DC  3 P  ? ? A GMS 2   A DC  3   1_555 ? ? ? ? ? ? ?            1.602 ? ? 
covale4  covale one  ? B DC  1 "O3'" ? ? ? 1_555 B GMS 2 P  ? ? B DC  107 B GMS 108 1_555 ? ? ? ? ? ? ?            1.586 ? ? 
covale5  covale both ? B GMS 2 "O3'" ? ? ? 1_555 B DC  3 P  ? ? B GMS 108 B DC  109 1_555 ? ? ? ? ? ? ?            1.637 ? ? 
metalc1  metalc ?    ? B DG  6 N7    ? ? ? 1_555 D MG  . MG ? ? B DG  112 B MG  301 1_555 ? ? ? ? ? ? ?            2.291 ? ? 
metalc2  metalc ?    ? D MG  . MG    ? ? ? 1_555 F HOH . O  ? ? B MG  301 B HOH 418 1_555 ? ? ? ? ? ? ?            2.206 ? ? 
metalc3  metalc ?    ? D MG  . MG    ? ? ? 1_555 F HOH . O  ? ? B MG  301 B HOH 420 1_555 ? ? ? ? ? ? ?            2.020 ? ? 
metalc4  metalc ?    ? D MG  . MG    ? ? ? 1_555 F HOH . O  ? ? B MG  301 B HOH 431 1_555 ? ? ? ? ? ? ?            2.031 ? ? 
metalc5  metalc ?    ? D MG  . MG    ? ? ? 1_555 F HOH . O  ? ? B MG  301 B HOH 437 1_555 ? ? ? ? ? ? ?            2.017 ? ? 
metalc6  metalc ?    ? D MG  . MG    ? ? ? 1_555 F HOH . O  ? ? B MG  301 B HOH 439 1_555 ? ? ? ? ? ? ?            1.989 ? ? 
hydrog1  hydrog ?    ? A DC  1 N3    ? ? ? 1_555 B DG  6 N1 ? ? A DC  1   B DG  112 1_555 ? ? ? ? ? ? WATSON-CRICK ?     ? ? 
hydrog2  hydrog ?    ? A DC  1 N4    ? ? ? 1_555 B DG  6 O6 ? ? A DC  1   B DG  112 1_555 ? ? ? ? ? ? WATSON-CRICK ?     ? ? 
hydrog3  hydrog ?    ? A DC  1 O2    ? ? ? 1_555 B DG  6 N2 ? ? A DC  1   B DG  112 1_555 ? ? ? ? ? ? WATSON-CRICK ?     ? ? 
hydrog4  hydrog ?    ? A GMS 2 N1    ? ? ? 1_555 B DC  5 N3 ? ? A GMS 2   B DC  111 1_555 ? ? ? ? ? ? WATSON-CRICK ?     ? ? 
hydrog5  hydrog ?    ? A GMS 2 N2    ? ? ? 1_555 B DC  5 O2 ? ? A GMS 2   B DC  111 1_555 ? ? ? ? ? ? WATSON-CRICK ?     ? ? 
hydrog6  hydrog ?    ? A GMS 2 O6    ? ? ? 1_555 B DC  5 N4 ? ? A GMS 2   B DC  111 1_555 ? ? ? ? ? ? WATSON-CRICK ?     ? ? 
hydrog7  hydrog ?    ? A DC  3 N3    ? ? ? 1_555 B DG  4 N1 ? ? A DC  3   B DG  110 1_555 ? ? ? ? ? ? WATSON-CRICK ?     ? ? 
hydrog8  hydrog ?    ? A DC  3 N4    ? ? ? 1_555 B DG  4 O6 ? ? A DC  3   B DG  110 1_555 ? ? ? ? ? ? WATSON-CRICK ?     ? ? 
hydrog9  hydrog ?    ? A DC  3 O2    ? ? ? 1_555 B DG  4 N2 ? ? A DC  3   B DG  110 1_555 ? ? ? ? ? ? WATSON-CRICK ?     ? ? 
hydrog10 hydrog ?    ? A DG  4 N1    ? ? ? 1_555 B DC  3 N3 ? ? A DG  4   B DC  109 1_555 ? ? ? ? ? ? WATSON-CRICK ?     ? ? 
hydrog11 hydrog ?    ? A DG  4 N2    ? ? ? 1_555 B DC  3 O2 ? ? A DG  4   B DC  109 1_555 ? ? ? ? ? ? WATSON-CRICK ?     ? ? 
hydrog12 hydrog ?    ? A DG  4 O6    ? ? ? 1_555 B DC  3 N4 ? ? A DG  4   B DC  109 1_555 ? ? ? ? ? ? WATSON-CRICK ?     ? ? 
hydrog13 hydrog ?    ? A DC  5 N3    ? ? ? 1_555 B GMS 2 N1 ? ? A DC  5   B GMS 108 1_555 ? ? ? ? ? ? WATSON-CRICK ?     ? ? 
hydrog14 hydrog ?    ? A DC  5 N4    ? ? ? 1_555 B GMS 2 O6 ? ? A DC  5   B GMS 108 1_555 ? ? ? ? ? ? WATSON-CRICK ?     ? ? 
hydrog15 hydrog ?    ? A DC  5 O2    ? ? ? 1_555 B GMS 2 N2 ? ? A DC  5   B GMS 108 1_555 ? ? ? ? ? ? WATSON-CRICK ?     ? ? 
hydrog16 hydrog ?    ? A DG  6 N1    ? ? ? 1_555 B DC  1 N3 ? ? A DG  6   B DC  107 1_555 ? ? ? ? ? ? WATSON-CRICK ?     ? ? 
hydrog17 hydrog ?    ? A DG  6 N2    ? ? ? 1_555 B DC  1 O2 ? ? A DG  6   B DC  107 1_555 ? ? ? ? ? ? WATSON-CRICK ?     ? ? 
hydrog18 hydrog ?    ? A DG  6 O6    ? ? ? 1_555 B DC  1 N4 ? ? A DG  6   B DC  107 1_555 ? ? ? ? ? ? WATSON-CRICK ?     ? ? 
# 
loop_
_struct_conn_type.id 
_struct_conn_type.criteria 
_struct_conn_type.reference 
covale ? ? 
metalc ? ? 
hydrog ? ? 
# 
loop_
_pdbx_struct_conn_angle.id 
_pdbx_struct_conn_angle.ptnr1_label_atom_id 
_pdbx_struct_conn_angle.ptnr1_label_alt_id 
_pdbx_struct_conn_angle.ptnr1_label_asym_id 
_pdbx_struct_conn_angle.ptnr1_label_comp_id 
_pdbx_struct_conn_angle.ptnr1_label_seq_id 
_pdbx_struct_conn_angle.ptnr1_auth_atom_id 
_pdbx_struct_conn_angle.ptnr1_auth_asym_id 
_pdbx_struct_conn_angle.ptnr1_auth_comp_id 
_pdbx_struct_conn_angle.ptnr1_auth_seq_id 
_pdbx_struct_conn_angle.ptnr1_PDB_ins_code 
_pdbx_struct_conn_angle.ptnr1_symmetry 
_pdbx_struct_conn_angle.ptnr2_label_atom_id 
_pdbx_struct_conn_angle.ptnr2_label_alt_id 
_pdbx_struct_conn_angle.ptnr2_label_asym_id 
_pdbx_struct_conn_angle.ptnr2_label_comp_id 
_pdbx_struct_conn_angle.ptnr2_label_seq_id 
_pdbx_struct_conn_angle.ptnr2_auth_atom_id 
_pdbx_struct_conn_angle.ptnr2_auth_asym_id 
_pdbx_struct_conn_angle.ptnr2_auth_comp_id 
_pdbx_struct_conn_angle.ptnr2_auth_seq_id 
_pdbx_struct_conn_angle.ptnr2_PDB_ins_code 
_pdbx_struct_conn_angle.ptnr2_symmetry 
_pdbx_struct_conn_angle.ptnr3_label_atom_id 
_pdbx_struct_conn_angle.ptnr3_label_alt_id 
_pdbx_struct_conn_angle.ptnr3_label_asym_id 
_pdbx_struct_conn_angle.ptnr3_label_comp_id 
_pdbx_struct_conn_angle.ptnr3_label_seq_id 
_pdbx_struct_conn_angle.ptnr3_auth_atom_id 
_pdbx_struct_conn_angle.ptnr3_auth_asym_id 
_pdbx_struct_conn_angle.ptnr3_auth_comp_id 
_pdbx_struct_conn_angle.ptnr3_auth_seq_id 
_pdbx_struct_conn_angle.ptnr3_PDB_ins_code 
_pdbx_struct_conn_angle.ptnr3_symmetry 
_pdbx_struct_conn_angle.value 
_pdbx_struct_conn_angle.value_esd 
1  N7 ? B DG  6 ? B DG  112 ? 1_555 MG ? D MG . ? B MG 301 ? 1_555 O ? F HOH . ? B HOH 418 ? 1_555 89.2  ? 
2  N7 ? B DG  6 ? B DG  112 ? 1_555 MG ? D MG . ? B MG 301 ? 1_555 O ? F HOH . ? B HOH 420 ? 1_555 90.0  ? 
3  O  ? F HOH . ? B HOH 418 ? 1_555 MG ? D MG . ? B MG 301 ? 1_555 O ? F HOH . ? B HOH 420 ? 1_555 96.0  ? 
4  N7 ? B DG  6 ? B DG  112 ? 1_555 MG ? D MG . ? B MG 301 ? 1_555 O ? F HOH . ? B HOH 431 ? 1_555 85.5  ? 
5  O  ? F HOH . ? B HOH 418 ? 1_555 MG ? D MG . ? B MG 301 ? 1_555 O ? F HOH . ? B HOH 431 ? 1_555 174.6 ? 
6  O  ? F HOH . ? B HOH 420 ? 1_555 MG ? D MG . ? B MG 301 ? 1_555 O ? F HOH . ? B HOH 431 ? 1_555 83.3  ? 
7  N7 ? B DG  6 ? B DG  112 ? 1_555 MG ? D MG . ? B MG 301 ? 1_555 O ? F HOH . ? B HOH 437 ? 1_555 178.8 ? 
8  O  ? F HOH . ? B HOH 418 ? 1_555 MG ? D MG . ? B MG 301 ? 1_555 O ? F HOH . ? B HOH 437 ? 1_555 92.0  ? 
9  O  ? F HOH . ? B HOH 420 ? 1_555 MG ? D MG . ? B MG 301 ? 1_555 O ? F HOH . ? B HOH 437 ? 1_555 89.8  ? 
10 O  ? F HOH . ? B HOH 431 ? 1_555 MG ? D MG . ? B MG 301 ? 1_555 O ? F HOH . ? B HOH 437 ? 1_555 93.3  ? 
11 N7 ? B DG  6 ? B DG  112 ? 1_555 MG ? D MG . ? B MG 301 ? 1_555 O ? F HOH . ? B HOH 439 ? 1_555 92.3  ? 
12 O  ? F HOH . ? B HOH 418 ? 1_555 MG ? D MG . ? B MG 301 ? 1_555 O ? F HOH . ? B HOH 439 ? 1_555 88.6  ? 
13 O  ? F HOH . ? B HOH 420 ? 1_555 MG ? D MG . ? B MG 301 ? 1_555 O ? F HOH . ? B HOH 439 ? 1_555 174.9 ? 
14 O  ? F HOH . ? B HOH 431 ? 1_555 MG ? D MG . ? B MG 301 ? 1_555 O ? F HOH . ? B HOH 439 ? 1_555 92.3  ? 
15 O  ? F HOH . ? B HOH 437 ? 1_555 MG ? D MG . ? B MG 301 ? 1_555 O ? F HOH . ? B HOH 439 ? 1_555 87.9  ? 
# 
loop_
_struct_site.id 
_struct_site.pdbx_evidence_code 
_struct_site.pdbx_auth_asym_id 
_struct_site.pdbx_auth_comp_id 
_struct_site.pdbx_auth_seq_id 
_struct_site.pdbx_auth_ins_code 
_struct_site.pdbx_num_residues 
_struct_site.details 
AC1 Software A SPM 201 ? 14 'BINDING SITE FOR RESIDUE SPM A 201' 
AC2 Software B MG  301 ? 6  'BINDING SITE FOR RESIDUE MG B 301'  
# 
loop_
_struct_site_gen.id 
_struct_site_gen.site_id 
_struct_site_gen.pdbx_num_res 
_struct_site_gen.label_comp_id 
_struct_site_gen.label_asym_id 
_struct_site_gen.label_seq_id 
_struct_site_gen.pdbx_auth_ins_code 
_struct_site_gen.auth_comp_id 
_struct_site_gen.auth_asym_id 
_struct_site_gen.auth_seq_id 
_struct_site_gen.label_atom_id 
_struct_site_gen.label_alt_id 
_struct_site_gen.symmetry 
_struct_site_gen.details 
1  AC1 14 GMS A 2 ? GMS A 2   . ? 1_555 ? 
2  AC1 14 DC  A 3 ? DC  A 3   . ? 1_455 ? 
3  AC1 14 DG  A 6 ? DG  A 6   . ? 2_565 ? 
4  AC1 14 HOH E . ? HOH A 401 . ? 1_455 ? 
5  AC1 14 HOH E . ? HOH A 408 . ? 1_455 ? 
6  AC1 14 HOH E . ? HOH A 438 . ? 1_455 ? 
7  AC1 14 HOH E . ? HOH A 458 . ? 1_555 ? 
8  AC1 14 GMS B 2 ? GMS B 108 . ? 2_465 ? 
9  AC1 14 DG  B 4 ? DG  B 110 . ? 1_555 ? 
10 AC1 14 DG  B 4 ? DG  B 110 . ? 3_546 ? 
11 AC1 14 DC  B 5 ? DC  B 111 . ? 3_546 ? 
12 AC1 14 DG  B 6 ? DG  B 112 . ? 3_546 ? 
13 AC1 14 HOH F . ? HOH B 414 . ? 1_455 ? 
14 AC1 14 HOH F . ? HOH B 444 . ? 2_465 ? 
15 AC2 6  DG  B 6 ? DG  B 112 . ? 1_555 ? 
16 AC2 6  HOH F . ? HOH B 418 . ? 1_555 ? 
17 AC2 6  HOH F . ? HOH B 420 . ? 1_555 ? 
18 AC2 6  HOH F . ? HOH B 431 . ? 1_555 ? 
19 AC2 6  HOH F . ? HOH B 437 . ? 1_555 ? 
20 AC2 6  HOH F . ? HOH B 439 . ? 1_555 ? 
# 
loop_
_pdbx_validate_close_contact.id 
_pdbx_validate_close_contact.PDB_model_num 
_pdbx_validate_close_contact.auth_atom_id_1 
_pdbx_validate_close_contact.auth_asym_id_1 
_pdbx_validate_close_contact.auth_comp_id_1 
_pdbx_validate_close_contact.auth_seq_id_1 
_pdbx_validate_close_contact.PDB_ins_code_1 
_pdbx_validate_close_contact.label_alt_id_1 
_pdbx_validate_close_contact.auth_atom_id_2 
_pdbx_validate_close_contact.auth_asym_id_2 
_pdbx_validate_close_contact.auth_comp_id_2 
_pdbx_validate_close_contact.auth_seq_id_2 
_pdbx_validate_close_contact.PDB_ins_code_2 
_pdbx_validate_close_contact.label_alt_id_2 
_pdbx_validate_close_contact.dist 
1 1 O B HOH 425 ? ? O B HOH 468 ? ? 2.08 
2 1 O A HOH 459 ? ? O A HOH 463 ? ? 2.16 
# 
loop_
_pdbx_validate_rmsd_angle.id 
_pdbx_validate_rmsd_angle.PDB_model_num 
_pdbx_validate_rmsd_angle.auth_atom_id_1 
_pdbx_validate_rmsd_angle.auth_asym_id_1 
_pdbx_validate_rmsd_angle.auth_comp_id_1 
_pdbx_validate_rmsd_angle.auth_seq_id_1 
_pdbx_validate_rmsd_angle.PDB_ins_code_1 
_pdbx_validate_rmsd_angle.label_alt_id_1 
_pdbx_validate_rmsd_angle.auth_atom_id_2 
_pdbx_validate_rmsd_angle.auth_asym_id_2 
_pdbx_validate_rmsd_angle.auth_comp_id_2 
_pdbx_validate_rmsd_angle.auth_seq_id_2 
_pdbx_validate_rmsd_angle.PDB_ins_code_2 
_pdbx_validate_rmsd_angle.label_alt_id_2 
_pdbx_validate_rmsd_angle.auth_atom_id_3 
_pdbx_validate_rmsd_angle.auth_asym_id_3 
_pdbx_validate_rmsd_angle.auth_comp_id_3 
_pdbx_validate_rmsd_angle.auth_seq_id_3 
_pdbx_validate_rmsd_angle.PDB_ins_code_3 
_pdbx_validate_rmsd_angle.label_alt_id_3 
_pdbx_validate_rmsd_angle.angle_value 
_pdbx_validate_rmsd_angle.angle_target_value 
_pdbx_validate_rmsd_angle.angle_deviation 
_pdbx_validate_rmsd_angle.angle_standard_deviation 
_pdbx_validate_rmsd_angle.linker_flag 
1 1 "O4'" A DC 1 ? ? "C1'" A DC 1 ? ? N1 A DC  1 ? ? 110.43 108.30 2.13 0.30 N 
2 1 C5    A DC 1 ? ? C6    A DC 1 ? ? N1 A DC  1 ? ? 124.23 121.00 3.23 0.50 N 
3 1 "C3'" A DC 1 ? ? "O3'" A DC 1 ? B P  A GMS 2 ? B 128.47 119.70 8.77 1.20 Y 
# 
loop_
_pdbx_struct_mod_residue.id 
_pdbx_struct_mod_residue.label_asym_id 
_pdbx_struct_mod_residue.label_comp_id 
_pdbx_struct_mod_residue.label_seq_id 
_pdbx_struct_mod_residue.auth_asym_id 
_pdbx_struct_mod_residue.auth_comp_id 
_pdbx_struct_mod_residue.auth_seq_id 
_pdbx_struct_mod_residue.PDB_ins_code 
_pdbx_struct_mod_residue.parent_comp_id 
_pdbx_struct_mod_residue.details 
1 A GMS 2 A GMS 2   ? DG ? 
2 B GMS 2 B GMS 108 ? DG ? 
# 
loop_
_chem_comp_atom.comp_id 
_chem_comp_atom.atom_id 
_chem_comp_atom.type_symbol 
_chem_comp_atom.pdbx_aromatic_flag 
_chem_comp_atom.pdbx_stereo_config 
_chem_comp_atom.pdbx_ordinal 
DC  OP3    O  N N 1   
DC  P      P  N N 2   
DC  OP1    O  N N 3   
DC  OP2    O  N N 4   
DC  "O5'"  O  N N 5   
DC  "C5'"  C  N N 6   
DC  "C4'"  C  N R 7   
DC  "O4'"  O  N N 8   
DC  "C3'"  C  N S 9   
DC  "O3'"  O  N N 10  
DC  "C2'"  C  N N 11  
DC  "C1'"  C  N R 12  
DC  N1     N  N N 13  
DC  C2     C  N N 14  
DC  O2     O  N N 15  
DC  N3     N  N N 16  
DC  C4     C  N N 17  
DC  N4     N  N N 18  
DC  C5     C  N N 19  
DC  C6     C  N N 20  
DC  HOP3   H  N N 21  
DC  HOP2   H  N N 22  
DC  "H5'"  H  N N 23  
DC  "H5''" H  N N 24  
DC  "H4'"  H  N N 25  
DC  "H3'"  H  N N 26  
DC  "HO3'" H  N N 27  
DC  "H2'"  H  N N 28  
DC  "H2''" H  N N 29  
DC  "H1'"  H  N N 30  
DC  H41    H  N N 31  
DC  H42    H  N N 32  
DC  H5     H  N N 33  
DC  H6     H  N N 34  
DG  OP3    O  N N 35  
DG  P      P  N N 36  
DG  OP1    O  N N 37  
DG  OP2    O  N N 38  
DG  "O5'"  O  N N 39  
DG  "C5'"  C  N N 40  
DG  "C4'"  C  N R 41  
DG  "O4'"  O  N N 42  
DG  "C3'"  C  N S 43  
DG  "O3'"  O  N N 44  
DG  "C2'"  C  N N 45  
DG  "C1'"  C  N R 46  
DG  N9     N  Y N 47  
DG  C8     C  Y N 48  
DG  N7     N  Y N 49  
DG  C5     C  Y N 50  
DG  C6     C  N N 51  
DG  O6     O  N N 52  
DG  N1     N  N N 53  
DG  C2     C  N N 54  
DG  N2     N  N N 55  
DG  N3     N  N N 56  
DG  C4     C  Y N 57  
DG  HOP3   H  N N 58  
DG  HOP2   H  N N 59  
DG  "H5'"  H  N N 60  
DG  "H5''" H  N N 61  
DG  "H4'"  H  N N 62  
DG  "H3'"  H  N N 63  
DG  "HO3'" H  N N 64  
DG  "H2'"  H  N N 65  
DG  "H2''" H  N N 66  
DG  "H1'"  H  N N 67  
DG  H8     H  N N 68  
DG  H1     H  N N 69  
DG  H21    H  N N 70  
DG  H22    H  N N 71  
GMS P      P  N R 72  
GMS OP1    O  N N 73  
GMS SE     SE N N 74  
GMS "O5'"  O  N N 75  
GMS N9     N  Y N 76  
GMS C4     C  Y N 77  
GMS N3     N  N N 78  
GMS C2     C  N N 79  
GMS N2     N  N N 80  
GMS N1     N  N N 81  
GMS C6     C  N N 82  
GMS O6     O  N N 83  
GMS C5     C  Y N 84  
GMS N7     N  Y N 85  
GMS C8     C  Y N 86  
GMS "C2'"  C  N N 87  
GMS "C5'"  C  N N 88  
GMS "C4'"  C  N R 89  
GMS "O4'"  O  N N 90  
GMS "C1'"  C  N R 91  
GMS "C3'"  C  N S 92  
GMS "O3'"  O  N N 93  
GMS OP2    O  N N 94  
GMS HS     H  N N 95  
GMS H21    H  N N 96  
GMS H22    H  N N 97  
GMS H1     H  N N 98  
GMS H8     H  N N 99  
GMS "H2'"  H  N N 100 
GMS "H2''" H  N N 101 
GMS "H5'"  H  N N 102 
GMS "H5''" H  N N 103 
GMS "H4'"  H  N N 104 
GMS "H1'"  H  N N 105 
GMS "H3'"  H  N N 106 
GMS "HO3'" H  N N 107 
GMS HOP2   H  N N 108 
HOH O      O  N N 109 
HOH H1     H  N N 110 
HOH H2     H  N N 111 
MG  MG     MG N N 112 
SPM N1     N  N N 113 
SPM C2     C  N N 114 
SPM C3     C  N N 115 
SPM C4     C  N N 116 
SPM N5     N  N N 117 
SPM C6     C  N N 118 
SPM C7     C  N N 119 
SPM C8     C  N N 120 
SPM C9     C  N N 121 
SPM N10    N  N N 122 
SPM C11    C  N N 123 
SPM C12    C  N N 124 
SPM C13    C  N N 125 
SPM N14    N  N N 126 
SPM HN11   H  N N 127 
SPM HN12   H  N N 128 
SPM H21    H  N N 129 
SPM H22    H  N N 130 
SPM H31    H  N N 131 
SPM H32    H  N N 132 
SPM H41    H  N N 133 
SPM H42    H  N N 134 
SPM HN5    H  N N 135 
SPM H61    H  N N 136 
SPM H62    H  N N 137 
SPM H71    H  N N 138 
SPM H72    H  N N 139 
SPM H81    H  N N 140 
SPM H82    H  N N 141 
SPM H91    H  N N 142 
SPM H92    H  N N 143 
SPM HN0    H  N N 144 
SPM H111   H  N N 145 
SPM H112   H  N N 146 
SPM H121   H  N N 147 
SPM H122   H  N N 148 
SPM H131   H  N N 149 
SPM H132   H  N N 150 
SPM HN41   H  N N 151 
SPM HN42   H  N N 152 
# 
loop_
_chem_comp_bond.comp_id 
_chem_comp_bond.atom_id_1 
_chem_comp_bond.atom_id_2 
_chem_comp_bond.value_order 
_chem_comp_bond.pdbx_aromatic_flag 
_chem_comp_bond.pdbx_stereo_config 
_chem_comp_bond.pdbx_ordinal 
DC  OP3   P      sing N N 1   
DC  OP3   HOP3   sing N N 2   
DC  P     OP1    doub N N 3   
DC  P     OP2    sing N N 4   
DC  P     "O5'"  sing N N 5   
DC  OP2   HOP2   sing N N 6   
DC  "O5'" "C5'"  sing N N 7   
DC  "C5'" "C4'"  sing N N 8   
DC  "C5'" "H5'"  sing N N 9   
DC  "C5'" "H5''" sing N N 10  
DC  "C4'" "O4'"  sing N N 11  
DC  "C4'" "C3'"  sing N N 12  
DC  "C4'" "H4'"  sing N N 13  
DC  "O4'" "C1'"  sing N N 14  
DC  "C3'" "O3'"  sing N N 15  
DC  "C3'" "C2'"  sing N N 16  
DC  "C3'" "H3'"  sing N N 17  
DC  "O3'" "HO3'" sing N N 18  
DC  "C2'" "C1'"  sing N N 19  
DC  "C2'" "H2'"  sing N N 20  
DC  "C2'" "H2''" sing N N 21  
DC  "C1'" N1     sing N N 22  
DC  "C1'" "H1'"  sing N N 23  
DC  N1    C2     sing N N 24  
DC  N1    C6     sing N N 25  
DC  C2    O2     doub N N 26  
DC  C2    N3     sing N N 27  
DC  N3    C4     doub N N 28  
DC  C4    N4     sing N N 29  
DC  C4    C5     sing N N 30  
DC  N4    H41    sing N N 31  
DC  N4    H42    sing N N 32  
DC  C5    C6     doub N N 33  
DC  C5    H5     sing N N 34  
DC  C6    H6     sing N N 35  
DG  OP3   P      sing N N 36  
DG  OP3   HOP3   sing N N 37  
DG  P     OP1    doub N N 38  
DG  P     OP2    sing N N 39  
DG  P     "O5'"  sing N N 40  
DG  OP2   HOP2   sing N N 41  
DG  "O5'" "C5'"  sing N N 42  
DG  "C5'" "C4'"  sing N N 43  
DG  "C5'" "H5'"  sing N N 44  
DG  "C5'" "H5''" sing N N 45  
DG  "C4'" "O4'"  sing N N 46  
DG  "C4'" "C3'"  sing N N 47  
DG  "C4'" "H4'"  sing N N 48  
DG  "O4'" "C1'"  sing N N 49  
DG  "C3'" "O3'"  sing N N 50  
DG  "C3'" "C2'"  sing N N 51  
DG  "C3'" "H3'"  sing N N 52  
DG  "O3'" "HO3'" sing N N 53  
DG  "C2'" "C1'"  sing N N 54  
DG  "C2'" "H2'"  sing N N 55  
DG  "C2'" "H2''" sing N N 56  
DG  "C1'" N9     sing N N 57  
DG  "C1'" "H1'"  sing N N 58  
DG  N9    C8     sing Y N 59  
DG  N9    C4     sing Y N 60  
DG  C8    N7     doub Y N 61  
DG  C8    H8     sing N N 62  
DG  N7    C5     sing Y N 63  
DG  C5    C6     sing N N 64  
DG  C5    C4     doub Y N 65  
DG  C6    O6     doub N N 66  
DG  C6    N1     sing N N 67  
DG  N1    C2     sing N N 68  
DG  N1    H1     sing N N 69  
DG  C2    N2     sing N N 70  
DG  C2    N3     doub N N 71  
DG  N2    H21    sing N N 72  
DG  N2    H22    sing N N 73  
DG  N3    C4     sing N N 74  
GMS P     OP1    doub N N 75  
GMS P     SE     sing N N 76  
GMS P     "O5'"  sing N N 77  
GMS P     OP2    sing N N 78  
GMS SE    HS     sing N N 79  
GMS "O5'" "C5'"  sing N N 80  
GMS N9    C4     sing Y N 81  
GMS N9    C8     sing Y N 82  
GMS N9    "C1'"  sing N N 83  
GMS C4    N3     sing N N 84  
GMS C4    C5     doub Y N 85  
GMS N3    C2     doub N N 86  
GMS C2    N2     sing N N 87  
GMS C2    N1     sing N N 88  
GMS N2    H21    sing N N 89  
GMS N2    H22    sing N N 90  
GMS N1    C6     sing N N 91  
GMS N1    H1     sing N N 92  
GMS C6    O6     doub N N 93  
GMS C6    C5     sing N N 94  
GMS C5    N7     sing Y N 95  
GMS N7    C8     doub Y N 96  
GMS C8    H8     sing N N 97  
GMS "C2'" "C1'"  sing N N 98  
GMS "C2'" "C3'"  sing N N 99  
GMS "C2'" "H2'"  sing N N 100 
GMS "C2'" "H2''" sing N N 101 
GMS "C5'" "C4'"  sing N N 102 
GMS "C5'" "H5'"  sing N N 103 
GMS "C5'" "H5''" sing N N 104 
GMS "C4'" "O4'"  sing N N 105 
GMS "C4'" "C3'"  sing N N 106 
GMS "C4'" "H4'"  sing N N 107 
GMS "O4'" "C1'"  sing N N 108 
GMS "C1'" "H1'"  sing N N 109 
GMS "C3'" "O3'"  sing N N 110 
GMS "C3'" "H3'"  sing N N 111 
GMS "O3'" "HO3'" sing N N 112 
GMS OP2   HOP2   sing N N 113 
HOH O     H1     sing N N 114 
HOH O     H2     sing N N 115 
SPM N1    C2     sing N N 116 
SPM N1    HN11   sing N N 117 
SPM N1    HN12   sing N N 118 
SPM C2    C3     sing N N 119 
SPM C2    H21    sing N N 120 
SPM C2    H22    sing N N 121 
SPM C3    C4     sing N N 122 
SPM C3    H31    sing N N 123 
SPM C3    H32    sing N N 124 
SPM C4    N5     sing N N 125 
SPM C4    H41    sing N N 126 
SPM C4    H42    sing N N 127 
SPM N5    C6     sing N N 128 
SPM N5    HN5    sing N N 129 
SPM C6    C7     sing N N 130 
SPM C6    H61    sing N N 131 
SPM C6    H62    sing N N 132 
SPM C7    C8     sing N N 133 
SPM C7    H71    sing N N 134 
SPM C7    H72    sing N N 135 
SPM C8    C9     sing N N 136 
SPM C8    H81    sing N N 137 
SPM C8    H82    sing N N 138 
SPM C9    N10    sing N N 139 
SPM C9    H91    sing N N 140 
SPM C9    H92    sing N N 141 
SPM N10   C11    sing N N 142 
SPM N10   HN0    sing N N 143 
SPM C11   C12    sing N N 144 
SPM C11   H111   sing N N 145 
SPM C11   H112   sing N N 146 
SPM C12   C13    sing N N 147 
SPM C12   H121   sing N N 148 
SPM C12   H122   sing N N 149 
SPM C13   N14    sing N N 150 
SPM C13   H131   sing N N 151 
SPM C13   H132   sing N N 152 
SPM N14   HN41   sing N N 153 
SPM N14   HN42   sing N N 154 
# 
_ndb_struct_conf_na.entry_id   1VRO 
_ndb_struct_conf_na.feature    'z-form double helix' 
# 
loop_
_ndb_struct_na_base_pair.model_number 
_ndb_struct_na_base_pair.i_label_asym_id 
_ndb_struct_na_base_pair.i_label_comp_id 
_ndb_struct_na_base_pair.i_label_seq_id 
_ndb_struct_na_base_pair.i_symmetry 
_ndb_struct_na_base_pair.j_label_asym_id 
_ndb_struct_na_base_pair.j_label_comp_id 
_ndb_struct_na_base_pair.j_label_seq_id 
_ndb_struct_na_base_pair.j_symmetry 
_ndb_struct_na_base_pair.shear 
_ndb_struct_na_base_pair.stretch 
_ndb_struct_na_base_pair.stagger 
_ndb_struct_na_base_pair.buckle 
_ndb_struct_na_base_pair.propeller 
_ndb_struct_na_base_pair.opening 
_ndb_struct_na_base_pair.pair_number 
_ndb_struct_na_base_pair.pair_name 
_ndb_struct_na_base_pair.i_auth_asym_id 
_ndb_struct_na_base_pair.i_auth_seq_id 
_ndb_struct_na_base_pair.i_PDB_ins_code 
_ndb_struct_na_base_pair.j_auth_asym_id 
_ndb_struct_na_base_pair.j_auth_seq_id 
_ndb_struct_na_base_pair.j_PDB_ins_code 
_ndb_struct_na_base_pair.hbond_type_28 
_ndb_struct_na_base_pair.hbond_type_12 
1 A DC  1 1_555 B DG  6 1_555 -0.346 -0.169 0.195  -5.715 4.355  2.504 1 A_DC1:DG112_B  A 1 ? B 112 ? 19 1 
1 A GMS 2 1_555 B DC  5 1_555 0.154  -0.116 0.003  -1.466 0.316  2.413 2 A_GMS2:DC111_B A 2 ? B 111 ? 19 1 
1 A DC  3 1_555 B DG  4 1_555 -0.190 -0.154 0.090  7.137  0.355  2.724 3 A_DC3:DG110_B  A 3 ? B 110 ? 19 1 
1 A DG  4 1_555 B DC  3 1_555 0.252  -0.138 -0.016 -4.848 -3.457 1.198 4 A_DG4:DC109_B  A 4 ? B 109 ? 19 1 
1 A DC  5 1_555 B GMS 2 1_555 -0.269 -0.153 -0.063 7.284  -4.011 1.520 5 A_DC5:GMS108_B A 5 ? B 108 ? 19 1 
1 A DG  6 1_555 B DC  1 1_555 0.243  -0.141 0.039  -4.017 0.655  0.434 6 A_DG6:DC107_B  A 6 ? B 107 ? 19 1 
# 
loop_
_ndb_struct_na_base_pair_step.model_number 
_ndb_struct_na_base_pair_step.i_label_asym_id_1 
_ndb_struct_na_base_pair_step.i_label_comp_id_1 
_ndb_struct_na_base_pair_step.i_label_seq_id_1 
_ndb_struct_na_base_pair_step.i_symmetry_1 
_ndb_struct_na_base_pair_step.j_label_asym_id_1 
_ndb_struct_na_base_pair_step.j_label_comp_id_1 
_ndb_struct_na_base_pair_step.j_label_seq_id_1 
_ndb_struct_na_base_pair_step.j_symmetry_1 
_ndb_struct_na_base_pair_step.i_label_asym_id_2 
_ndb_struct_na_base_pair_step.i_label_comp_id_2 
_ndb_struct_na_base_pair_step.i_label_seq_id_2 
_ndb_struct_na_base_pair_step.i_symmetry_2 
_ndb_struct_na_base_pair_step.j_label_asym_id_2 
_ndb_struct_na_base_pair_step.j_label_comp_id_2 
_ndb_struct_na_base_pair_step.j_label_seq_id_2 
_ndb_struct_na_base_pair_step.j_symmetry_2 
_ndb_struct_na_base_pair_step.shift 
_ndb_struct_na_base_pair_step.slide 
_ndb_struct_na_base_pair_step.rise 
_ndb_struct_na_base_pair_step.tilt 
_ndb_struct_na_base_pair_step.roll 
_ndb_struct_na_base_pair_step.twist 
_ndb_struct_na_base_pair_step.x_displacement 
_ndb_struct_na_base_pair_step.y_displacement 
_ndb_struct_na_base_pair_step.helical_rise 
_ndb_struct_na_base_pair_step.inclination 
_ndb_struct_na_base_pair_step.tip 
_ndb_struct_na_base_pair_step.helical_twist 
_ndb_struct_na_base_pair_step.step_number 
_ndb_struct_na_base_pair_step.step_name 
_ndb_struct_na_base_pair_step.i_auth_asym_id_1 
_ndb_struct_na_base_pair_step.i_auth_seq_id_1 
_ndb_struct_na_base_pair_step.i_PDB_ins_code_1 
_ndb_struct_na_base_pair_step.j_auth_asym_id_1 
_ndb_struct_na_base_pair_step.j_auth_seq_id_1 
_ndb_struct_na_base_pair_step.j_PDB_ins_code_1 
_ndb_struct_na_base_pair_step.i_auth_asym_id_2 
_ndb_struct_na_base_pair_step.i_auth_seq_id_2 
_ndb_struct_na_base_pair_step.i_PDB_ins_code_2 
_ndb_struct_na_base_pair_step.j_auth_asym_id_2 
_ndb_struct_na_base_pair_step.j_auth_seq_id_2 
_ndb_struct_na_base_pair_step.j_PDB_ins_code_2 
1 A DC  1 1_555 B DG  6 1_555 A GMS 2 1_555 B DC  5 1_555 -0.052 5.145  3.371 -1.605 -1.020 -7.401  -34.895 -6.234 3.940 7.736  
-12.170 -7.641  1 AA_DC1GMS2:DC111DG112_BB A 1 ? B 112 ? A 2 ? B 111 ? 
1 A GMS 2 1_555 B DC  5 1_555 A DC  3 1_555 B DG  4 1_555 0.204  -0.895 3.231 -1.003 -2.512 -53.672 1.144   0.165  3.193 2.781  
-1.110  -53.735 2 AA_GMS2DC3:DG110DC111_BB A 2 ? B 111 ? A 3 ? B 110 ? 
1 A DC  3 1_555 B DG  4 1_555 A DG  4 1_555 B DC  3 1_555 0.009  5.458  3.769 0.339  -3.330 -5.811  -24.521 2.326  5.975 29.805 
3.032   -6.705  3 AA_DC3DG4:DC109DG110_BB  A 3 ? B 110 ? A 4 ? B 109 ? 
1 A DG  4 1_555 B DC  3 1_555 A DC  5 1_555 B GMS 2 1_555 0.075  -1.054 3.216 -0.106 -5.671 -51.765 1.567   0.078  3.093 6.473  
-0.121  -52.053 4 AA_DG4DC5:GMS108DC109_BB A 4 ? B 109 ? A 5 ? B 108 ? 
1 A DC  5 1_555 B GMS 2 1_555 A DG  6 1_555 B DC  1 1_555 0.040  5.365  3.684 -0.482 -3.911 -6.079  -20.012 -2.450 5.989 32.727 
-4.035  -7.244  5 AA_DC5DG6:DC107GMS108_BB A 5 ? B 108 ? A 6 ? B 107 ? 
# 
_atom_sites.entry_id                    1VRO 
_atom_sites.fract_transf_matrix[1][1]   -0.03925804 
_atom_sites.fract_transf_matrix[1][2]   0.03501701 
_atom_sites.fract_transf_matrix[1][3]   -0.01991395 
_atom_sites.fract_transf_matrix[2][1]   -0.01283667 
_atom_sites.fract_transf_matrix[2][2]   0.00217041 
_atom_sites.fract_transf_matrix[2][3]   0.02912249 
_atom_sites.fract_transf_matrix[3][1]   0.01342897 
_atom_sites.fract_transf_matrix[3][2]   0.01767261 
_atom_sites.fract_transf_matrix[3][3]   0.00460216 
_atom_sites.fract_transf_vector[1]      0.207027 
_atom_sites.fract_transf_vector[2]      0.494964 
_atom_sites.fract_transf_vector[3]      0.640582 
# 
loop_
_atom_type.symbol 
C  
MG 
N  
O  
P  
SE 
# 
loop_
_atom_site.group_PDB 
_atom_site.id 
_atom_site.type_symbol 
_atom_site.label_atom_id 
_atom_site.label_alt_id 
_atom_site.label_comp_id 
_atom_site.label_asym_id 
_atom_site.label_entity_id 
_atom_site.label_seq_id 
_atom_site.pdbx_PDB_ins_code 
_atom_site.Cartn_x 
_atom_site.Cartn_y 
_atom_site.Cartn_z 
_atom_site.occupancy 
_atom_site.B_iso_or_equiv 
_atom_site.pdbx_formal_charge 
_atom_site.auth_seq_id 
_atom_site.auth_comp_id 
_atom_site.auth_asym_id 
_atom_site.auth_atom_id 
_atom_site.pdbx_PDB_model_num 
ATOM   1   O  "O5'" . DC  A 1 1 ? 10.128  3.190   1.186   1.00 7.82  ? 1   DC  A "O5'" 1 
ATOM   2   C  "C5'" . DC  A 1 1 ? 9.560   2.787   -0.043  1.00 7.75  ? 1   DC  A "C5'" 1 
ATOM   3   C  "C4'" . DC  A 1 1 ? 8.450   3.659   -0.540  1.00 7.00  ? 1   DC  A "C4'" 1 
ATOM   4   O  "O4'" . DC  A 1 1 ? 7.339   3.582   0.413   1.00 7.37  ? 1   DC  A "O4'" 1 
ATOM   5   C  "C3'" . DC  A 1 1 ? 8.735   5.114   -0.652  1.00 7.30  ? 1   DC  A "C3'" 1 
ATOM   6   O  "O3'" A DC  A 1 1 ? 8.049   5.720   -1.773  0.48 7.41  ? 1   DC  A "O3'" 1 
ATOM   7   O  "O3'" B DC  A 1 1 ? 8.021   5.696   -1.748  0.52 8.95  ? 1   DC  A "O3'" 1 
ATOM   8   C  "C2'" . DC  A 1 1 ? 8.219   5.728   0.621   1.00 7.45  ? 1   DC  A "C2'" 1 
ATOM   9   C  "C1'" . DC  A 1 1 ? 6.972   4.852   0.854   1.00 6.75  ? 1   DC  A "C1'" 1 
ATOM   10  N  N1    . DC  A 1 1 ? 6.646   4.824   2.253   1.00 6.15  ? 1   DC  A N1    1 
ATOM   11  C  C2    . DC  A 1 1 ? 5.652   5.617   2.733   1.00 6.25  ? 1   DC  A C2    1 
ATOM   12  O  O2    . DC  A 1 1 ? 5.017   6.376   1.979   1.00 6.46  ? 1   DC  A O2    1 
ATOM   13  N  N3    . DC  A 1 1 ? 5.357   5.579   4.087   1.00 5.95  ? 1   DC  A N3    1 
ATOM   14  C  C4    . DC  A 1 1 ? 6.048   4.774   4.887   1.00 5.87  ? 1   DC  A C4    1 
ATOM   15  N  N4    . DC  A 1 1 ? 5.723   4.781   6.170   1.00 6.99  ? 1   DC  A N4    1 
ATOM   16  C  C5    . DC  A 1 1 ? 7.079   3.942   4.408   1.00 5.79  ? 1   DC  A C5    1 
ATOM   17  C  C6    . DC  A 1 1 ? 7.315   4.018   3.097   1.00 6.77  ? 1   DC  A C6    1 
HETATM 18  P  P     A GMS A 1 2 ? 8.655   5.770   -3.252  0.48 7.73  ? 2   GMS A P     1 
HETATM 19  P  P     B GMS A 1 2 ? 8.463   5.801   -3.269  0.52 8.55  ? 2   GMS A P     1 
HETATM 20  O  OP1   A GMS A 1 2 ? 10.139  5.917   -3.210  0.48 9.17  ? 2   GMS A OP1   1 
HETATM 21  O  OP1   B GMS A 1 2 ? 9.918   6.193   -3.310  0.52 10.11 ? 2   GMS A OP1   1 
HETATM 22  SE SE    A GMS A 1 2 ? 7.673   7.246   -4.434  0.48 11.28 ? 2   GMS A SE    1 
HETATM 23  SE SE    B GMS A 1 2 ? 6.905   7.016   -4.017  0.52 11.69 ? 2   GMS A SE    1 
HETATM 24  O  "O5'" A GMS A 1 2 ? 8.406   4.289   -3.797  0.48 5.98  ? 2   GMS A "O5'" 1 
HETATM 25  O  "O5'" B GMS A 1 2 ? 8.392   4.311   -3.815  0.52 6.93  ? 2   GMS A "O5'" 1 
HETATM 26  N  N9    . GMS A 1 2 ? 7.349   0.098   -1.554  1.00 5.95  ? 2   GMS A N9    1 
HETATM 27  C  C4    . GMS A 1 2 ? 6.471   0.749   -0.747  1.00 5.74  ? 2   GMS A C4    1 
HETATM 28  N  N3    . GMS A 1 2 ? 5.522   1.631   -1.110  1.00 4.83  ? 2   GMS A N3    1 
HETATM 29  C  C2    . GMS A 1 2 ? 4.838   2.087   -0.105  1.00 4.69  ? 2   GMS A C2    1 
HETATM 30  N  N2    . GMS A 1 2 ? 3.877   2.962   -0.297  1.00 4.81  ? 2   GMS A N2    1 
HETATM 31  N  N1    . GMS A 1 2 ? 5.053   1.678   1.201   1.00 5.04  ? 2   GMS A N1    1 
HETATM 32  C  C6    . GMS A 1 2 ? 6.012   0.774   1.604   1.00 5.02  ? 2   GMS A C6    1 
HETATM 33  O  O6    . GMS A 1 2 ? 6.136   0.480   2.811   1.00 6.27  ? 2   GMS A O6    1 
HETATM 34  C  C5    . GMS A 1 2 ? 6.769   0.291   0.507   1.00 5.36  ? 2   GMS A C5    1 
HETATM 35  N  N7    . GMS A 1 2 ? 7.815   -0.633  0.498   1.00 6.41  ? 2   GMS A N7    1 
HETATM 36  C  C8    . GMS A 1 2 ? 8.109   -0.691  -0.751  1.00 5.55  ? 2   GMS A C8    1 
HETATM 37  C  "C2'" . GMS A 1 2 ? 6.277   0.092   -3.826  1.00 5.95  ? 2   GMS A "C2'" 1 
HETATM 38  C  "C5'" . GMS A 1 2 ? 7.080   3.699   -3.884  1.00 6.17  ? 2   GMS A "C5'" 1 
HETATM 39  C  "C4'" . GMS A 1 2 ? 7.235   2.216   -4.238  1.00 5.87  ? 2   GMS A "C4'" 1 
HETATM 40  O  "O4'" . GMS A 1 2 ? 7.990   1.583   -3.238  1.00 5.61  ? 2   GMS A "O4'" 1 
HETATM 41  C  "C1'" . GMS A 1 2 ? 7.493   0.205   -2.992  1.00 5.32  ? 2   GMS A "C1'" 1 
HETATM 42  C  "C3'" . GMS A 1 2 ? 5.936   1.495   -4.287  1.00 5.81  ? 2   GMS A "C3'" 1 
HETATM 43  O  "O3'" . GMS A 1 2 ? 5.387   1.509   -5.636  1.00 6.08  ? 2   GMS A "O3'" 1 
ATOM   44  P  P     . DC  A 1 3 ? 4.123   2.423   -6.005  1.00 6.16  ? 3   DC  A P     1 
ATOM   45  O  OP1   . DC  A 1 3 ? 4.052   2.404   -7.486  1.00 6.67  ? 3   DC  A OP1   1 
ATOM   46  O  OP2   . DC  A 1 3 ? 4.137   3.735   -5.340  1.00 7.18  ? 3   DC  A OP2   1 
ATOM   47  O  "O5'" . DC  A 1 3 ? 2.980   1.481   -5.404  1.00 6.88  ? 3   DC  A "O5'" 1 
ATOM   48  C  "C5'" . DC  A 1 3 ? 1.715   1.316   -6.089  1.00 6.51  ? 3   DC  A "C5'" 1 
ATOM   49  C  "C4'" . DC  A 1 3 ? 0.580   1.501   -5.095  1.00 5.24  ? 3   DC  A "C4'" 1 
ATOM   50  O  "O4'" . DC  A 1 3 ? 0.677   0.489   -4.064  1.00 5.98  ? 3   DC  A "O4'" 1 
ATOM   51  C  "C3'" . DC  A 1 3 ? 0.573   2.807   -4.381  1.00 5.57  ? 3   DC  A "C3'" 1 
ATOM   52  O  "O3'" . DC  A 1 3 ? -0.741  3.327   -4.150  1.00 6.59  ? 3   DC  A "O3'" 1 
ATOM   53  C  "C2'" . DC  A 1 3 ? 1.209   2.498   -3.049  1.00 6.87  ? 3   DC  A "C2'" 1 
ATOM   54  C  "C1'" . DC  A 1 3 ? 0.705   1.088   -2.785  1.00 6.17  ? 3   DC  A "C1'" 1 
ATOM   55  N  N1    . DC  A 1 3 ? 1.576   0.321   -1.928  1.00 5.53  ? 3   DC  A N1    1 
ATOM   56  C  C2    . DC  A 1 3 ? 1.378   0.414   -0.549  1.00 5.94  ? 3   DC  A C2    1 
ATOM   57  O  O2    . DC  A 1 3 ? 0.467   1.132   -0.125  1.00 6.33  ? 3   DC  A O2    1 
ATOM   58  N  N3    . DC  A 1 3 ? 2.208   -0.305  0.255   1.00 5.78  ? 3   DC  A N3    1 
ATOM   59  C  C4    . DC  A 1 3 ? 3.171   -1.074  -0.253  1.00 5.69  ? 3   DC  A C4    1 
ATOM   60  N  N4    . DC  A 1 3 ? 3.945   -1.746  0.577   1.00 6.69  ? 3   DC  A N4    1 
ATOM   61  C  C5    . DC  A 1 3 ? 3.388   -1.160  -1.653  1.00 6.16  ? 3   DC  A C5    1 
ATOM   62  C  C6    . DC  A 1 3 ? 2.566   -0.452  -2.449  1.00 5.71  ? 3   DC  A C6    1 
ATOM   63  P  P     . DG  A 1 4 ? -1.504  4.260   -5.185  1.00 6.69  ? 4   DG  A P     1 
ATOM   64  O  OP1   . DG  A 1 4 ? -0.605  5.272   -5.753  1.00 7.08  ? 4   DG  A OP1   1 
ATOM   65  O  OP2   . DG  A 1 4 ? -2.713  4.721   -4.435  1.00 8.47  ? 4   DG  A OP2   1 
ATOM   66  O  "O5'" . DG  A 1 4 ? -1.929  3.327   -6.410  1.00 6.75  ? 4   DG  A "O5'" 1 
ATOM   67  C  "C5'" . DG  A 1 4 ? -2.837  2.262   -6.158  1.00 6.82  ? 4   DG  A "C5'" 1 
ATOM   68  C  "C4'" . DG  A 1 4 ? -3.024  1.473   -7.432  1.00 6.40  ? 4   DG  A "C4'" 1 
ATOM   69  O  "O4'" . DG  A 1 4 ? -1.811  0.892   -7.850  1.00 7.20  ? 4   DG  A "O4'" 1 
ATOM   70  C  "C3'" . DG  A 1 4 ? -3.980  0.308   -7.256  1.00 7.28  ? 4   DG  A "C3'" 1 
ATOM   71  O  "O3'" . DG  A 1 4 ? -5.296  0.666   -7.669  1.00 7.40  ? 4   DG  A "O3'" 1 
ATOM   72  C  "C2'" . DG  A 1 4 ? -3.405  -0.792  -8.125  1.00 8.27  ? 4   DG  A "C2'" 1 
ATOM   73  C  "C1'" . DG  A 1 4 ? -1.939  -0.458  -8.311  1.00 7.70  ? 4   DG  A "C1'" 1 
ATOM   74  N  N9    . DG  A 1 4 ? -1.015  -1.230  -7.524  1.00 6.76  ? 4   DG  A N9    1 
ATOM   75  C  C8    . DG  A 1 4 ? 0.065   -1.879  -8.059  1.00 6.45  ? 4   DG  A C8    1 
ATOM   76  N  N7    . DG  A 1 4 ? 0.786   -2.518  -7.184  1.00 6.56  ? 4   DG  A N7    1 
ATOM   77  C  C5    . DG  A 1 4 ? 0.133   -2.294  -5.972  1.00 5.89  ? 4   DG  A C5    1 
ATOM   78  C  C6    . DG  A 1 4 ? 0.413   -2.724  -4.661  1.00 6.63  ? 4   DG  A C6    1 
ATOM   79  O  O6    . DG  A 1 4 ? 1.355   -3.438  -4.267  1.00 7.20  ? 4   DG  A O6    1 
ATOM   80  N  N1    . DG  A 1 4 ? -0.523  -2.255  -3.745  1.00 6.29  ? 4   DG  A N1    1 
ATOM   81  C  C2    . DG  A 1 4 ? -1.594  -1.464  -4.067  1.00 5.53  ? 4   DG  A C2    1 
ATOM   82  N  N2    . DG  A 1 4 ? -2.349  -1.132  -3.039  1.00 6.07  ? 4   DG  A N2    1 
ATOM   83  N  N3    . DG  A 1 4 ? -1.879  -1.052  -5.284  1.00 5.76  ? 4   DG  A N3    1 
ATOM   84  C  C4    . DG  A 1 4 ? -0.971  -1.504  -6.173  1.00 5.88  ? 4   DG  A C4    1 
ATOM   85  P  P     . DC  A 1 5 ? -6.518  0.815   -6.667  1.00 7.80  ? 5   DC  A P     1 
ATOM   86  O  OP1   . DC  A 1 5 ? -7.664  1.326   -7.461  1.00 8.68  ? 5   DC  A OP1   1 
ATOM   87  O  OP2   . DC  A 1 5 ? -6.095  1.640   -5.484  1.00 10.96 ? 5   DC  A OP2   1 
ATOM   88  O  "O5'" . DC  A 1 5 ? -6.771  -0.672  -6.290  1.00 9.85  ? 5   DC  A "O5'" 1 
ATOM   89  C  "C5'" . DC  A 1 5 ? -8.070  -1.208  -6.016  1.00 7.56  ? 5   DC  A "C5'" 1 
ATOM   90  C  "C4'" . DC  A 1 5 ? -8.047  -1.935  -4.682  1.00 6.87  ? 5   DC  A "C4'" 1 
ATOM   91  O  "O4'" . DC  A 1 5 ? -7.188  -3.088  -4.768  1.00 6.59  ? 5   DC  A "O4'" 1 
ATOM   92  C  "C3'" . DC  A 1 5 ? -7.512  -1.167  -3.480  1.00 7.46  ? 5   DC  A "C3'" 1 
ATOM   93  O  "O3'" . DC  A 1 5 ? -8.355  -1.401  -2.329  1.00 7.59  ? 5   DC  A "O3'" 1 
ATOM   94  C  "C2'" . DC  A 1 5 ? -6.154  -1.708  -3.264  1.00 7.78  ? 5   DC  A "C2'" 1 
ATOM   95  C  "C1'" . DC  A 1 5 ? -6.263  -3.135  -3.722  1.00 6.32  ? 5   DC  A "C1'" 1 
ATOM   96  N  N1    . DC  A 1 5 ? -5.021  -3.677  -4.268  1.00 5.78  ? 5   DC  A N1    1 
ATOM   97  C  C2    . DC  A 1 5 ? -4.135  -4.288  -3.362  1.00 5.74  ? 5   DC  A C2    1 
ATOM   98  O  O2    . DC  A 1 5 ? -4.451  -4.309  -2.149  1.00 6.86  ? 5   DC  A O2    1 
ATOM   99  N  N3    . DC  A 1 5 ? -2.965  -4.781  -3.792  1.00 5.70  ? 5   DC  A N3    1 
ATOM   100 C  C4    . DC  A 1 5 ? -2.679  -4.719  -5.069  1.00 5.49  ? 5   DC  A C4    1 
ATOM   101 N  N4    . DC  A 1 5 ? -1.525  -5.240  -5.464  1.00 6.20  ? 5   DC  A N4    1 
ATOM   102 C  C5    . DC  A 1 5 ? -3.542  -4.123  -6.052  1.00 6.25  ? 5   DC  A C5    1 
ATOM   103 C  C6    . DC  A 1 5 ? -4.674  -3.615  -5.565  1.00 5.78  ? 5   DC  A C6    1 
ATOM   104 P  P     . DG  A 1 6 ? -9.529  -0.455  -1.924  1.00 8.16  ? 6   DG  A P     1 
ATOM   105 O  OP1   . DG  A 1 6 ? -9.107  0.995   -2.049  1.00 9.90  ? 6   DG  A OP1   1 
ATOM   106 O  OP2   . DG  A 1 6 ? -10.064 -0.926  -0.622  1.00 11.54 ? 6   DG  A OP2   1 
ATOM   107 O  "O5'" . DG  A 1 6 ? -10.619 -0.660  -3.038  1.00 7.50  ? 6   DG  A "O5'" 1 
ATOM   108 C  "C5'" . DG  A 1 6 ? -11.511 -1.812  -3.000  1.00 6.87  ? 6   DG  A "C5'" 1 
ATOM   109 C  "C4'" . DG  A 1 6 ? -12.372 -1.767  -4.253  1.00 6.53  ? 6   DG  A "C4'" 1 
ATOM   110 O  "O4'" . DG  A 1 6 ? -11.558 -1.899  -5.420  1.00 6.31  ? 6   DG  A "O4'" 1 
ATOM   111 C  "C3'" . DG  A 1 6 ? -13.383 -2.891  -4.349  1.00 6.13  ? 6   DG  A "C3'" 1 
ATOM   112 O  "O3'" . DG  A 1 6 ? -14.568 -2.457  -5.049  1.00 6.49  ? 6   DG  A "O3'" 1 
ATOM   113 C  "C2'" . DG  A 1 6 ? -12.666 -3.945  -5.110  1.00 6.26  ? 6   DG  A "C2'" 1 
ATOM   114 C  "C1'" . DG  A 1 6 ? -11.949 -3.094  -6.146  1.00 5.84  ? 6   DG  A "C1'" 1 
ATOM   115 N  N9    . DG  A 1 6 ? -10.764 -3.671  -6.700  1.00 5.75  ? 6   DG  A N9    1 
ATOM   116 C  C8    . DG  A 1 6 ? -10.408 -3.512  -8.025  1.00 6.00  ? 6   DG  A C8    1 
ATOM   117 N  N7    . DG  A 1 6 ? -9.294  -4.106  -8.341  1.00 6.68  ? 6   DG  A N7    1 
ATOM   118 C  C5    . DG  A 1 6 ? -8.886  -4.694  -7.124  1.00 5.99  ? 6   DG  A C5    1 
ATOM   119 C  C6    . DG  A 1 6 ? -7.732  -5.469  -6.862  1.00 6.05  ? 6   DG  A C6    1 
ATOM   120 O  O6    . DG  A 1 6 ? -6.809  -5.820  -7.619  1.00 6.79  ? 6   DG  A O6    1 
ATOM   121 N  N1    . DG  A 1 6 ? -7.682  -5.872  -5.539  1.00 5.67  ? 6   DG  A N1    1 
ATOM   122 C  C2    . DG  A 1 6 ? -8.639  -5.534  -4.607  1.00 5.40  ? 6   DG  A C2    1 
ATOM   123 N  N2    . DG  A 1 6 ? -8.453  -5.991  -3.365  1.00 6.11  ? 6   DG  A N2    1 
ATOM   124 N  N3    . DG  A 1 6 ? -9.697  -4.819  -4.852  1.00 5.30  ? 6   DG  A N3    1 
ATOM   125 C  C4    . DG  A 1 6 ? -9.768  -4.436  -6.125  1.00 5.85  ? 6   DG  A C4    1 
ATOM   126 O  "O5'" . DC  B 1 1 ? -1.636  -11.420 -2.090  1.00 7.63  ? 107 DC  B "O5'" 1 
ATOM   127 C  "C5'" . DC  B 1 1 ? -1.310  -10.755 -0.883  1.00 6.28  ? 107 DC  B "C5'" 1 
ATOM   128 C  "C4'" . DC  B 1 1 ? -2.367  -9.847  -0.317  1.00 6.71  ? 107 DC  B "C4'" 1 
ATOM   129 O  "O4'" . DC  B 1 1 ? -2.623  -8.792  -1.254  1.00 7.02  ? 107 DC  B "O4'" 1 
ATOM   130 C  "C3'" . DC  B 1 1 ? -3.710  -10.491 -0.110  1.00 6.74  ? 107 DC  B "C3'" 1 
ATOM   131 O  "O3'" . DC  B 1 1 ? -4.370  -9.999  1.067   1.00 7.62  ? 107 DC  B "O3'" 1 
ATOM   132 C  "C2'" . DC  B 1 1 ? -4.496  -10.135 -1.345  1.00 7.32  ? 107 DC  B "C2'" 1 
ATOM   133 C  "C1'" . DC  B 1 1 ? -3.986  -8.743  -1.619  1.00 6.74  ? 107 DC  B "C1'" 1 
ATOM   134 N  N1    . DC  B 1 1 ? -4.072  -8.350  -3.020  1.00 6.57  ? 107 DC  B N1    1 
ATOM   135 C  C2    . DC  B 1 1 ? -5.192  -7.669  -3.464  1.00 6.60  ? 107 DC  B C2    1 
ATOM   136 O  O2    . DC  B 1 1 ? -6.087  -7.418  -2.639  1.00 7.54  ? 107 DC  B O2    1 
ATOM   137 N  N3    . DC  B 1 1 ? -5.296  -7.307  -4.765  1.00 6.69  ? 107 DC  B N3    1 
ATOM   138 C  C4    . DC  B 1 1 ? -4.280  -7.617  -5.602  1.00 6.76  ? 107 DC  B C4    1 
ATOM   139 N  N4    . DC  B 1 1 ? -4.443  -7.225  -6.882  1.00 7.20  ? 107 DC  B N4    1 
ATOM   140 C  C5    . DC  B 1 1 ? -3.161  -8.315  -5.173  1.00 7.41  ? 107 DC  B C5    1 
ATOM   141 C  C6    . DC  B 1 1 ? -3.062  -8.671  -3.896  1.00 7.15  ? 107 DC  B C6    1 
HETATM 142 P  P     . GMS B 1 2 ? -4.181  -10.641 2.504   1.00 8.09  ? 108 GMS B P     1 
HETATM 143 O  OP1   . GMS B 1 2 ? -4.021  -12.148 2.455   1.00 8.96  ? 108 GMS B OP1   1 
HETATM 144 SE SE    . GMS B 1 2 ? -5.762  -9.880  3.680   1.00 13.67 ? 108 GMS B SE    1 
HETATM 145 O  "O5'" . GMS B 1 2 ? -2.766  -10.197 2.977   1.00 8.24  ? 108 GMS B "O5'" 1 
HETATM 146 N  N9    . GMS B 1 2 ? 0.971   -8.159  0.701   1.00 7.07  ? 108 GMS B N9    1 
HETATM 147 C  C4    . GMS B 1 2 ? 0.079   -7.389  -0.010  1.00 6.13  ? 108 GMS B C4    1 
HETATM 148 N  N3    . GMS B 1 2 ? -1.001  -6.728  0.491   1.00 5.92  ? 108 GMS B N3    1 
HETATM 149 C  C2    . GMS B 1 2 ? -1.656  -6.080  -0.457  1.00 5.36  ? 108 GMS B C2    1 
HETATM 150 N  N2    . GMS B 1 2 ? -2.745  -5.384  -0.151  1.00 6.04  ? 108 GMS B N2    1 
HETATM 151 N  N1    . GMS B 1 2 ? -1.304  -6.061  -1.792  1.00 5.67  ? 108 GMS B N1    1 
HETATM 152 C  C6    . GMS B 1 2 ? -0.207  -6.730  -2.310  1.00 5.46  ? 108 GMS B C6    1 
HETATM 153 O  O6    . GMS B 1 2 ? 0.031   -6.655  -3.518  1.00 7.58  ? 108 GMS B O6    1 
HETATM 154 C  C5    . GMS B 1 2 ? 0.498   -7.425  -1.315  1.00 6.65  ? 108 GMS B C5    1 
HETATM 155 N  N7    . GMS B 1 2 ? 1.640   -8.206  -1.419  1.00 7.58  ? 108 GMS B N7    1 
HETATM 156 C  C8    . GMS B 1 2 ? 1.885   -8.618  -0.209  1.00 8.70  ? 108 GMS B C8    1 
HETATM 157 C  "C2'" . GMS B 1 2 ? 0.877   -7.331  3.082   1.00 8.70  ? 108 GMS B "C2'" 1 
HETATM 158 C  "C5'" . GMS B 1 2 ? -2.435  -8.834  3.195   1.00 8.09  ? 108 GMS B "C5'" 1 
HETATM 159 C  "C4'" . GMS B 1 2 ? -0.941  -8.755  3.427   1.00 8.02  ? 108 GMS B "C4'" 1 
HETATM 160 O  "O4'" . GMS B 1 2 ? -0.254  -9.249  2.290   1.00 6.86  ? 108 GMS B "O4'" 1 
HETATM 161 C  "C1'" . GMS B 1 2 ? 0.982   -8.453  2.113   1.00 8.03  ? 108 GMS B "C1'" 1 
HETATM 162 C  "C3'" . GMS B 1 2 ? -0.530  -7.321  3.635   1.00 8.27  ? 108 GMS B "C3'" 1 
HETATM 163 O  "O3'" . GMS B 1 2 ? -0.626  -6.955  5.015   1.00 10.06 ? 108 GMS B "O3'" 1 
ATOM   164 P  P     . DC  B 1 3 ? -1.647  -5.770  5.497   1.00 10.55 ? 109 DC  B P     1 
ATOM   165 O  OP1   . DC  B 1 3 ? -1.581  -5.744  6.988   1.00 13.16 ? 109 DC  B OP1   1 
ATOM   166 O  OP2   . DC  B 1 3 ? -2.966  -5.975  4.882   1.00 13.15 ? 109 DC  B OP2   1 
ATOM   167 O  "O5'" . DC  B 1 3 ? -0.838  -4.532  4.915   1.00 10.59 ? 109 DC  B "O5'" 1 
ATOM   168 C  "C5'" . DC  B 1 3 ? -0.844  -3.248  5.515   1.00 8.57  ? 109 DC  B "C5'" 1 
ATOM   169 C  "C4'" . DC  B 1 3 ? -1.465  -2.175  4.645   1.00 7.59  ? 109 DC  B "C4'" 1 
ATOM   170 O  "O4'" . DC  B 1 3 ? -0.575  -1.998  3.526   1.00 6.75  ? 109 DC  B "O4'" 1 
ATOM   171 C  "C3'" . DC  B 1 3 ? -2.824  -2.453  4.050   1.00 9.08  ? 109 DC  B "C3'" 1 
ATOM   172 O  "O3'" . DC  B 1 3 ? -3.583  -1.265  3.922   1.00 10.26 ? 109 DC  B "O3'" 1 
ATOM   173 C  "C2'" . DC  B 1 3 ? -2.505  -2.979  2.694   1.00 9.22  ? 109 DC  B "C2'" 1 
ATOM   174 C  "C1'" . DC  B 1 3 ? -1.324  -2.103  2.320   1.00 7.33  ? 109 DC  B "C1'" 1 
ATOM   175 N  N1    . DC  B 1 3 ? -0.463  -2.675  1.317   1.00 6.99  ? 109 DC  B N1    1 
ATOM   176 C  C2    . DC  B 1 3 ? -0.696  -2.420  -0.041  1.00 6.61  ? 109 DC  B C2    1 
ATOM   177 O  O2    . DC  B 1 3 ? -1.662  -1.675  -0.326  1.00 6.98  ? 109 DC  B O2    1 
ATOM   178 N  N3    . DC  B 1 3 ? 0.102   -2.941  -0.990  1.00 6.92  ? 109 DC  B N3    1 
ATOM   179 C  C4    . DC  B 1 3 ? 1.113   -3.731  -0.626  1.00 6.77  ? 109 DC  B C4    1 
ATOM   180 N  N4    . DC  B 1 3 ? 1.863   -4.254  -1.582  1.00 7.54  ? 109 DC  B N4    1 
ATOM   181 C  C5    . DC  B 1 3 ? 1.377   -4.045  0.756   1.00 6.88  ? 109 DC  B C5    1 
ATOM   182 C  C6    . DC  B 1 3 ? 0.587   -3.504  1.683   1.00 7.59  ? 109 DC  B C6    1 
ATOM   183 P  P     . DG  B 1 4 ? -4.631  -0.784  5.018   1.00 13.05 ? 110 DG  B P     1 
ATOM   184 O  OP1   . DG  B 1 4 ? -5.432  -1.992  5.433   1.00 16.73 ? 110 DG  B OP1   1 
ATOM   185 O  OP2   . DG  B 1 4 ? -5.306  0.404   4.390   1.00 17.36 ? 110 DG  B OP2   1 
ATOM   186 O  "O5'" . DG  B 1 4 ? -3.782  -0.378  6.287   1.00 10.34 ? 110 DG  B "O5'" 1 
ATOM   187 C  "C5'" . DG  B 1 4 ? -3.004  0.821   6.140   1.00 7.79  ? 110 DG  B "C5'" 1 
ATOM   188 C  "C4'" . DG  B 1 4 ? -2.121  0.907   7.384   1.00 6.75  ? 110 DG  B "C4'" 1 
ATOM   189 O  "O4'" . DG  B 1 4 ? -1.215  -0.178  7.453   1.00 6.94  ? 110 DG  B "O4'" 1 
ATOM   190 C  "C3'" . DG  B 1 4 ? -1.244  2.136   7.397   1.00 6.06  ? 110 DG  B "C3'" 1 
ATOM   191 O  "O3'" . DG  B 1 4 ? -1.959  3.204   8.043   1.00 5.71  ? 110 DG  B "O3'" 1 
ATOM   192 C  "C2'" . DG  B 1 4 ? 0.003   1.716   8.126   1.00 6.23  ? 110 DG  B "C2'" 1 
ATOM   193 C  "C1'" . DG  B 1 4 ? 0.086   0.216   7.961   1.00 6.03  ? 110 DG  B "C1'" 1 
ATOM   194 N  N9    . DG  B 1 4 ? 1.024   -0.330  7.006   1.00 6.20  ? 110 DG  B N9    1 
ATOM   195 C  C8    . DG  B 1 4 ? 2.038   -1.230  7.346   1.00 7.42  ? 110 DG  B C8    1 
ATOM   196 N  N7    . DG  B 1 4 ? 2.755   -1.585  6.330   1.00 6.43  ? 110 DG  B N7    1 
ATOM   197 C  C5    . DG  B 1 4 ? 2.196   -0.896  5.267   1.00 5.84  ? 110 DG  B C5    1 
ATOM   198 C  C6    . DG  B 1 4 ? 2.581   -0.925  3.920   1.00 6.37  ? 110 DG  B C6    1 
ATOM   199 O  O6    . DG  B 1 4 ? 3.507   -1.559  3.388   1.00 6.64  ? 110 DG  B O6    1 
ATOM   200 N  N1    . DG  B 1 4 ? 1.766   -0.090  3.144   1.00 5.41  ? 110 DG  B N1    1 
ATOM   201 C  C2    . DG  B 1 4 ? 0.703   0.658   3.618   1.00 5.14  ? 110 DG  B C2    1 
ATOM   202 N  N2    . DG  B 1 4 ? 0.066   1.372   2.701   1.00 6.01  ? 110 DG  B N2    1 
ATOM   203 N  N3    . DG  B 1 4 ? 0.357   0.671   4.882   1.00 5.61  ? 110 DG  B N3    1 
ATOM   204 C  C4    . DG  B 1 4 ? 1.131   -0.131  5.659   1.00 5.93  ? 110 DG  B C4    1 
ATOM   205 P  P     . DC  B 1 5 ? -1.425  4.684   8.234   1.00 6.62  ? 111 DC  B P     1 
ATOM   206 O  OP1   . DC  B 1 5 ? -0.101  4.690   8.887   1.00 8.10  ? 111 DC  B OP1   1 
ATOM   207 O  OP2   . DC  B 1 5 ? -2.569  5.419   8.884   1.00 8.20  ? 111 DC  B OP2   1 
ATOM   208 O  "O5'" . DC  B 1 5 ? -1.287  5.124   6.728   1.00 5.87  ? 111 DC  B "O5'" 1 
ATOM   209 C  "C5'" . DC  B 1 5 ? -1.052  6.537   6.438   1.00 4.78  ? 111 DC  B "C5'" 1 
ATOM   210 C  "C4'" . DC  B 1 5 ? -0.705  6.733   4.994   1.00 4.93  ? 111 DC  B "C4'" 1 
ATOM   211 O  "O4'" . DC  B 1 5 ? 0.637   6.284   4.773   1.00 5.27  ? 111 DC  B "O4'" 1 
ATOM   212 C  "C3'" . DC  B 1 5 ? -1.587  5.964   3.988   1.00 5.00  ? 111 DC  B "C3'" 1 
ATOM   213 O  "O3'" . DC  B 1 5 ? -1.846  6.729   2.838   1.00 6.04  ? 111 DC  B "O3'" 1 
ATOM   214 C  "C2'" . DC  B 1 5 ? -0.755  4.759   3.649   1.00 5.19  ? 111 DC  B "C2'" 1 
ATOM   215 C  "C1'" . DC  B 1 5 ? 0.679   5.292   3.707   1.00 4.55  ? 111 DC  B "C1'" 1 
ATOM   216 N  N1    . DC  B 1 5 ? 1.695   4.339   4.037   1.00 4.97  ? 111 DC  B N1    1 
ATOM   217 C  C2    . DC  B 1 5 ? 2.474   3.756   3.033   1.00 5.05  ? 111 DC  B C2    1 
ATOM   218 O  O2    . DC  B 1 5 ? 2.244   4.110   1.865   1.00 5.38  ? 111 DC  B O2    1 
ATOM   219 N  N3    . DC  B 1 5 ? 3.422   2.853   3.341   1.00 4.66  ? 111 DC  B N3    1 
ATOM   220 C  C4    . DC  B 1 5 ? 3.614   2.519   4.650   1.00 5.70  ? 111 DC  B C4    1 
ATOM   221 N  N4    . DC  B 1 5 ? 4.561   1.620   4.895   1.00 5.82  ? 111 DC  B N4    1 
ATOM   222 C  C5    . DC  B 1 5 ? 2.824   3.079   5.696   1.00 5.29  ? 111 DC  B C5    1 
ATOM   223 C  C6    . DC  B 1 5 ? 1.901   3.971   5.368   1.00 6.11  ? 111 DC  B C6    1 
ATOM   224 P  P     . DG  B 1 6 ? -3.149  7.655   2.717   1.00 6.18  ? 112 DG  B P     1 
ATOM   225 O  OP1   . DG  B 1 6 ? -4.330  6.966   3.297   1.00 7.47  ? 112 DG  B OP1   1 
ATOM   226 O  OP2   . DG  B 1 6 ? -3.203  8.099   1.295   1.00 7.24  ? 112 DG  B OP2   1 
ATOM   227 O  "O5'" . DG  B 1 6 ? -2.899  8.873   3.673   1.00 5.93  ? 112 DG  B "O5'" 1 
ATOM   228 C  "C5'" . DG  B 1 6 ? -1.998  9.948   3.290   1.00 6.04  ? 112 DG  B "C5'" 1 
ATOM   229 C  "C4'" . DG  B 1 6 ? -1.982  10.923  4.429   1.00 5.84  ? 112 DG  B "C4'" 1 
ATOM   230 O  "O4'" . DG  B 1 6 ? -1.406  10.299  5.616   1.00 6.20  ? 112 DG  B "O4'" 1 
ATOM   231 C  "C3'" . DG  B 1 6 ? -1.137  12.150  4.215   1.00 6.65  ? 112 DG  B "C3'" 1 
ATOM   232 O  "O3'" . DG  B 1 6 ? -1.753  13.307  4.839   1.00 7.29  ? 112 DG  B "O3'" 1 
ATOM   233 C  "C2'" . DG  B 1 6 ? 0.199   11.814  4.832   1.00 6.35  ? 112 DG  B "C2'" 1 
ATOM   234 C  "C1'" . DG  B 1 6 ? -0.255  11.009  6.044   1.00 6.02  ? 112 DG  B "C1'" 1 
ATOM   235 N  N9    . DG  B 1 6 ? 0.693   10.027  6.491   1.00 5.55  ? 112 DG  B N9    1 
ATOM   236 C  C8    . DG  B 1 6 ? 0.897   9.729   7.816   1.00 6.63  ? 112 DG  B C8    1 
ATOM   237 N  N7    . DG  B 1 6 ? 1.805   8.798   8.012   1.00 7.12  ? 112 DG  B N7    1 
ATOM   238 C  C5    . DG  B 1 6 ? 2.224   8.476   6.720   1.00 5.78  ? 112 DG  B C5    1 
ATOM   239 C  C6    . DG  B 1 6 ? 3.184   7.538   6.316   1.00 5.60  ? 112 DG  B C6    1 
ATOM   240 O  O6    . DG  B 1 6 ? 3.883   6.786   7.030   1.00 8.02  ? 112 DG  B O6    1 
ATOM   241 N  N1    . DG  B 1 6 ? 3.318   7.512   4.932   1.00 5.93  ? 112 DG  B N1    1 
ATOM   242 C  C2    . DG  B 1 6 ? 2.597   8.280   4.064   1.00 5.06  ? 112 DG  B C2    1 
ATOM   243 N  N2    . DG  B 1 6 ? 2.852   8.109   2.779   1.00 6.03  ? 112 DG  B N2    1 
ATOM   244 N  N3    . DG  B 1 6 ? 1.678   9.173   4.445   1.00 5.12  ? 112 DG  B N3    1 
ATOM   245 C  C4    . DG  B 1 6 ? 1.543   9.228   5.799   1.00 5.22  ? 112 DG  B C4    1 
HETATM 246 N  N1    . SPM C 2 . ? 16.293  -5.175  -0.926  1.00 7.54  ? 201 SPM A N1    1 
HETATM 247 C  C2    . SPM C 2 . ? 16.177  -3.868  -0.188  1.00 8.77  ? 201 SPM A C2    1 
HETATM 248 C  C3    . SPM C 2 . ? 15.541  -2.833  -1.069  1.00 9.25  ? 201 SPM A C3    1 
HETATM 249 C  C4    . SPM C 2 . ? 15.245  -1.502  -0.387  1.00 10.33 ? 201 SPM A C4    1 
HETATM 250 N  N5    . SPM C 2 . ? 14.034  -1.504  0.465   1.00 8.73  ? 201 SPM A N5    1 
HETATM 251 C  C6    . SPM C 2 . ? 13.633  -0.153  0.950   1.00 10.78 ? 201 SPM A C6    1 
HETATM 252 C  C7    . SPM C 2 . ? 12.665  -0.076  2.029   1.00 15.43 ? 201 SPM A C7    1 
HETATM 253 C  C8    . SPM C 2 . ? 11.354  -0.727  1.731   1.00 12.81 ? 201 SPM A C8    1 
HETATM 254 C  C9    . SPM C 2 . ? 10.437  -0.643  2.955   1.00 15.12 ? 201 SPM A C9    1 
HETATM 255 N  N10   . SPM C 2 . ? 9.294   -1.542  2.688   1.00 10.62 ? 201 SPM A N10   1 
HETATM 256 C  C11   . SPM C 2 . ? 8.306   -1.703  3.806   1.00 12.32 ? 201 SPM A C11   1 
HETATM 257 C  C12   . SPM C 2 . ? 7.221   -2.715  3.395   1.00 14.83 ? 201 SPM A C12   1 
HETATM 258 C  C13   . SPM C 2 . ? 6.449   -3.312  4.546   1.00 20.36 ? 201 SPM A C13   1 
HETATM 259 N  N14   . SPM C 2 . ? 5.648   -2.236  5.184   1.00 22.99 ? 201 SPM A N14   1 
HETATM 260 MG MG    . MG  D 3 . ? 2.421   7.945   10.047  1.00 11.10 ? 301 MG  B MG    1 
HETATM 261 O  O     . HOH E 4 . ? 1.313   5.088   -7.694  1.00 7.22  ? 401 HOH A O     1 
HETATM 262 O  O     . HOH E 4 . ? -4.443  1.108   -3.247  1.00 9.35  ? 402 HOH A O     1 
HETATM 263 O  O     . HOH E 4 . ? 3.954   -0.050  -8.595  1.00 9.06  ? 405 HOH A O     1 
HETATM 264 O  O     . HOH E 4 . ? -15.278 -2.775  -7.692  1.00 7.22  ? 406 HOH A O     1 
HETATM 265 O  O     . HOH E 4 . ? 6.536   3.366   -8.237  1.00 6.93  ? 407 HOH A O     1 
HETATM 266 O  O     . HOH E 4 . ? 0.772   7.148   -4.302  1.00 12.09 ? 408 HOH A O     1 
HETATM 267 O  O     . HOH E 4 . ? 3.921   4.696   -2.819  1.00 7.74  ? 410 HOH A O     1 
HETATM 268 O  O     . HOH E 4 . ? 7.473   2.820   7.630   1.00 9.49  ? 411 HOH A O     1 
HETATM 269 O  O     . HOH E 4 . ? -9.108  -5.717  -10.825 1.00 12.47 ? 415 HOH A O     1 
HETATM 270 O  O     . HOH E 4 . ? -2.321  7.578   -6.220  1.00 11.11 ? 416 HOH A O     1 
HETATM 271 O  O     . HOH E 4 . ? 5.421   8.354   0.252   1.00 16.67 ? 417 HOH A O     1 
HETATM 272 O  O     . HOH E 4 . ? -1.381  3.031   -0.239  1.00 11.66 ? 419 HOH A O     1 
HETATM 273 O  O     . HOH E 4 . ? -3.402  3.435   -2.194  1.00 11.03 ? 424 HOH A O     1 
HETATM 274 O  O     . HOH E 4 . ? 5.732   -3.731  -0.435  1.00 17.52 ? 426 HOH A O     1 
HETATM 275 O  O     . HOH E 4 . ? 4.071   -3.142  -4.751  1.00 18.42 ? 430 HOH A O     1 
HETATM 276 O  O     . HOH E 4 . ? 12.401  4.233   0.320   1.00 20.63 ? 432 HOH A O     1 
HETATM 277 O  O     . HOH E 4 . ? 2.590   -5.428  6.370   1.00 15.00 ? 433 HOH A O     1 
HETATM 278 O  O     . HOH E 4 . ? 7.011   5.831   -7.224  1.00 14.22 ? 436 HOH A O     1 
HETATM 279 O  O     . HOH E 4 . ? -1.819  7.085   -2.865  1.00 14.56 ? 438 HOH A O     1 
HETATM 280 O  O     . HOH E 4 . ? 4.349   4.238   8.900   1.00 13.73 ? 441 HOH A O     1 
HETATM 281 O  O     . HOH E 4 . ? -6.420  -5.154  -0.423  1.00 15.27 ? 442 HOH A O     1 
HETATM 282 O  O     . HOH E 4 . ? -1.285  -5.209  -8.429  1.00 15.93 ? 443 HOH A O     1 
HETATM 283 O  O     . HOH E 4 . ? -7.787  3.644   -8.625  1.00 13.03 ? 446 HOH A O     1 
HETATM 284 O  O     . HOH E 4 . ? 5.036   7.002   -2.476  1.00 18.13 ? 447 HOH A O     1 
HETATM 285 O  O     . HOH E 4 . ? -8.099  2.647   -3.924  1.00 14.89 ? 450 HOH A O     1 
HETATM 286 O  O     . HOH E 4 . ? -9.608  2.850   -0.060  1.00 19.92 ? 451 HOH A O     1 
HETATM 287 O  O     . HOH E 4 . ? -9.015  -4.775  -0.648  1.00 21.84 ? 453 HOH A O     1 
HETATM 288 O  O     . HOH E 4 . ? 2.234   -4.547  -8.255  1.00 15.37 ? 454 HOH A O     1 
HETATM 289 O  O     . HOH E 4 . ? -5.643  -3.431  -8.675  1.00 19.00 ? 455 HOH A O     1 
HETATM 290 O  O     . HOH E 4 . ? 7.319   -6.346  0.189   1.00 26.23 ? 457 HOH A O     1 
HETATM 291 O  O     . HOH E 4 . ? 4.597   -4.050  7.194   1.00 25.13 ? 458 HOH A O     1 
HETATM 292 O  O     . HOH E 4 . ? 7.589   9.028   -1.248  1.00 21.53 ? 459 HOH A O     1 
HETATM 293 O  O     . HOH E 4 . ? 14.795  3.484   1.076   1.00 28.67 ? 460 HOH A O     1 
HETATM 294 O  O     . HOH E 4 . ? -10.828 -3.005  0.161   1.00 39.35 ? 461 HOH A O     1 
HETATM 295 O  O     . HOH E 4 . ? 7.137   11.091  -0.796  1.00 40.69 ? 463 HOH A O     1 
HETATM 296 O  O     . HOH E 4 . ? -5.894  0.808   -0.582  1.00 39.44 ? 464 HOH A O     1 
HETATM 297 O  O     . HOH E 4 . ? -7.641  5.001   -3.737  1.00 47.16 ? 469 HOH A O     1 
HETATM 298 O  O     . HOH F 4 . ? 0.764   9.524   0.517   1.00 11.16 ? 403 HOH B O     1 
HETATM 299 O  O     . HOH F 4 . ? 0.389   5.094   0.105   1.00 9.38  ? 404 HOH B O     1 
HETATM 300 O  O     . HOH F 4 . ? 4.993   1.594   7.768   1.00 9.37  ? 409 HOH B O     1 
HETATM 301 O  O     . HOH F 4 . ? -1.033  7.518   -0.190  1.00 9.00  ? 412 HOH B O     1 
HETATM 302 O  O     . HOH F 4 . ? -4.272  -5.754  2.484   1.00 11.73 ? 413 HOH B O     1 
HETATM 303 O  O     . HOH F 4 . ? -4.825  10.124  0.505   1.00 8.33  ? 414 HOH B O     1 
HETATM 304 O  O     . HOH F 4 . ? 2.263   5.911   9.208   1.00 12.16 ? 418 HOH B O     1 
HETATM 305 O  O     . HOH F 4 . ? 0.505   8.064   10.676  1.00 16.53 ? 420 HOH B O     1 
HETATM 306 O  O     . HOH F 4 . ? 2.829   -6.296  -4.054  1.00 13.46 ? 421 HOH B O     1 
HETATM 307 O  O     . HOH F 4 . ? -1.928  -7.775  -8.460  1.00 23.85 ? 422 HOH B O     1 
HETATM 308 O  O     . HOH F 4 . ? -2.467  -2.264  8.970   1.00 13.30 ? 423 HOH B O     1 
HETATM 309 O  O     . HOH F 4 . ? -2.724  2.115   2.336   1.00 16.56 ? 425 HOH B O     1 
HETATM 310 O  O     . HOH F 4 . ? -7.461  -12.177 -0.380  1.00 13.41 ? 427 HOH B O     1 
HETATM 311 O  O     . HOH F 4 . ? 2.940   -4.379  3.789   1.00 12.33 ? 428 HOH B O     1 
HETATM 312 O  O     . HOH F 4 . ? -0.066  15.244  3.814   1.00 11.04 ? 429 HOH B O     1 
HETATM 313 O  O     . HOH F 4 . ? 2.493   9.882   10.656  1.00 13.62 ? 431 HOH B O     1 
HETATM 314 O  O     . HOH F 4 . ? -3.204  12.323  -0.027  1.00 8.82  ? 434 HOH B O     1 
HETATM 315 O  O     . HOH F 4 . ? -9.618  -13.853 -0.554  1.00 8.84  ? 435 HOH B O     1 
HETATM 316 O  O     . HOH F 4 . ? 2.961   7.234   11.855  1.00 13.08 ? 437 HOH B O     1 
HETATM 317 O  O     . HOH F 4 . ? 4.348   7.946   9.554   1.00 11.71 ? 439 HOH B O     1 
HETATM 318 O  O     . HOH F 4 . ? 0.307   -8.810  -5.357  1.00 20.02 ? 440 HOH B O     1 
HETATM 319 O  O     . HOH F 4 . ? -7.762  -12.228 2.323   1.00 13.32 ? 444 HOH B O     1 
HETATM 320 O  O     . HOH F 4 . ? 4.054   -5.765  -0.427  1.00 19.90 ? 445 HOH B O     1 
HETATM 321 O  O     . HOH F 4 . ? 0.679   -4.878  8.272   1.00 16.37 ? 448 HOH B O     1 
HETATM 322 O  O     . HOH F 4 . ? -0.343  18.334  4.547   1.00 21.91 ? 449 HOH B O     1 
HETATM 323 O  O     . HOH F 4 . ? 3.519   -8.521  -5.921  1.00 20.52 ? 452 HOH B O     1 
HETATM 324 O  O     . HOH F 4 . ? -4.512  -2.063  -0.102  1.00 27.09 ? 456 HOH B O     1 
HETATM 325 O  O     . HOH F 4 . ? -7.465  -1.683  7.446   1.00 51.67 ? 462 HOH B O     1 
HETATM 326 O  O     . HOH F 4 . ? -4.023  -8.662  6.756   1.00 57.96 ? 465 HOH B O     1 
HETATM 327 O  O     . HOH F 4 . ? -5.734  4.242   -0.367  1.00 43.71 ? 466 HOH B O     1 
HETATM 328 O  O     . HOH F 4 . ? -4.358  -3.538  7.496   1.00 52.72 ? 467 HOH B O     1 
HETATM 329 O  O     . HOH F 4 . ? -3.058  1.443   0.399   1.00 51.24 ? 468 HOH B O     1 
HETATM 330 O  O     . HOH F 4 . ? -0.115  -8.652  7.522   1.00 35.41 ? 470 HOH B O     1 
HETATM 331 O  O     . HOH F 4 . ? -5.474  4.884   1.896   1.00 40.26 ? 471 HOH B O     1 
HETATM 332 O  O     . HOH F 4 . ? -0.326  -7.750  10.614  1.00 49.07 ? 472 HOH B O     1 
HETATM 333 O  O     . HOH F 4 . ? -5.998  -3.866  2.884   1.00 63.66 ? 473 HOH B O     1 
# 
loop_
_atom_site_anisotrop.id 
_atom_site_anisotrop.type_symbol 
_atom_site_anisotrop.pdbx_label_atom_id 
_atom_site_anisotrop.pdbx_label_alt_id 
_atom_site_anisotrop.pdbx_label_comp_id 
_atom_site_anisotrop.pdbx_label_asym_id 
_atom_site_anisotrop.pdbx_label_seq_id 
_atom_site_anisotrop.pdbx_PDB_ins_code 
_atom_site_anisotrop.U[1][1] 
_atom_site_anisotrop.U[2][2] 
_atom_site_anisotrop.U[3][3] 
_atom_site_anisotrop.U[1][2] 
_atom_site_anisotrop.U[1][3] 
_atom_site_anisotrop.U[2][3] 
_atom_site_anisotrop.pdbx_auth_seq_id 
_atom_site_anisotrop.pdbx_auth_comp_id 
_atom_site_anisotrop.pdbx_auth_asym_id 
_atom_site_anisotrop.pdbx_auth_atom_id 
1   O  "O5'" . DC  A 1 ? 0.0837 0.1403 0.0731 0.0091  -0.0036 -0.0047 1   DC  A "O5'" 
2   C  "C5'" . DC  A 1 ? 0.0792 0.1372 0.0782 0.0257  -0.0138 -0.0197 1   DC  A "C5'" 
3   C  "C4'" . DC  A 1 ? 0.0791 0.1118 0.0750 0.0149  -0.0063 -0.0088 1   DC  A "C4'" 
4   O  "O4'" . DC  A 1 ? 0.0777 0.1098 0.0927 0.0054  0.0015  -0.0197 1   DC  A "O4'" 
5   C  "C3'" . DC  A 1 ? 0.0783 0.1156 0.0835 -0.0040 -0.0009 -0.0183 1   DC  A "C3'" 
6   O  "O3'" A DC  A 1 ? 0.0836 0.1023 0.0955 0.0299  -0.0119 -0.0297 1   DC  A "O3'" 
7   O  "O3'" B DC  A 1 ? 0.1273 0.1237 0.0888 0.0296  0.0011  -0.0058 1   DC  A "O3'" 
8   C  "C2'" . DC  A 1 ? 0.0629 0.1325 0.0876 -0.0130 0.0122  -0.0325 1   DC  A "C2'" 
9   C  "C1'" . DC  A 1 ? 0.0786 0.0855 0.0923 0.0039  0.0056  0.0070  1   DC  A "C1'" 
10  N  N1    . DC  A 1 ? 0.0761 0.0765 0.0813 0.0016  -0.0040 -0.0069 1   DC  A N1    
11  C  C2    . DC  A 1 ? 0.0745 0.0781 0.0847 0.0002  0.0009  -0.0049 1   DC  A C2    
12  O  O2    . DC  A 1 ? 0.0711 0.1073 0.0669 0.0017  0.0033  0.0082  1   DC  A O2    
13  N  N3    . DC  A 1 ? 0.0609 0.0880 0.0773 0.0021  0.0059  0.0030  1   DC  A N3    
14  C  C4    . DC  A 1 ? 0.0675 0.0713 0.0842 -0.0016 -0.0085 -0.0159 1   DC  A C4    
15  N  N4    . DC  A 1 ? 0.0820 0.0981 0.0854 0.0057  -0.0011 -0.0017 1   DC  A N4    
16  C  C5    . DC  A 1 ? 0.0676 0.0612 0.0913 -0.0004 -0.0118 -0.0024 1   DC  A C5    
17  C  C6    . DC  A 1 ? 0.0827 0.0803 0.0942 0.0047  0.0190  0.0173  1   DC  A C6    
18  P  P     A GMS A 2 ? 0.1045 0.1004 0.0888 0.0181  -0.0203 -0.0286 2   GMS A P     
19  P  P     B GMS A 2 ? 0.1429 0.0864 0.0958 0.0036  0.0161  0.0028  2   GMS A P     
20  O  OP1   A GMS A 2 ? 0.1053 0.0986 0.1447 -0.0128 0.0216  -0.0231 2   GMS A OP1   
21  O  OP1   B GMS A 2 ? 0.1604 0.1359 0.0880 -0.0558 -0.0205 0.0631  2   GMS A OP1   
22  SE SE    A GMS A 2 ? 0.1736 0.1122 0.1428 0.0149  -0.0107 0.0187  2   GMS A SE    
23  SE SE    B GMS A 2 ? 0.1881 0.1050 0.1510 0.0209  -0.0369 -0.0016 2   GMS A SE    
24  O  "O5'" A GMS A 2 ? 0.0867 0.0847 0.0555 0.0106  0.0042  -0.0003 2   GMS A "O5'" 
25  O  "O5'" B GMS A 2 ? 0.0938 0.0826 0.0867 0.0075  0.0164  0.0085  2   GMS A "O5'" 
26  N  N9    . GMS A 2 ? 0.0821 0.0798 0.0640 0.0267  0.0047  -0.0009 2   GMS A N9    
27  C  C4    . GMS A 2 ? 0.0624 0.0825 0.0733 0.0200  0.0038  0.0022  2   GMS A C4    
28  N  N3    . GMS A 2 ? 0.0493 0.0698 0.0646 0.0055  0.0022  -0.0010 2   GMS A N3    
29  C  C2    . GMS A 2 ? 0.0429 0.0621 0.0730 0.0005  0.0108  0.0037  2   GMS A C2    
30  N  N2    . GMS A 2 ? 0.0442 0.0830 0.0555 0.0122  0.0053  -0.0113 2   GMS A N2    
31  N  N1    . GMS A 2 ? 0.0597 0.0648 0.0669 0.0021  0.0023  0.0054  2   GMS A N1    
32  C  C6    . GMS A 2 ? 0.0727 0.0547 0.0635 0.0054  -0.0089 -0.0125 2   GMS A C6    
33  O  O6    . GMS A 2 ? 0.0851 0.0819 0.0713 0.0279  0.0024  0.0060  2   GMS A O6    
34  C  C5    . GMS A 2 ? 0.0533 0.0847 0.0655 0.0094  -0.0093 -0.0027 2   GMS A C5    
35  N  N7    . GMS A 2 ? 0.0919 0.0864 0.0654 0.0304  -0.0008 -0.0121 2   GMS A N7    
36  C  C8    . GMS A 2 ? 0.0649 0.0669 0.0789 0.0147  -0.0094 -0.0014 2   GMS A C8    
37  C  "C2'" . GMS A 2 ? 0.0679 0.0886 0.0696 0.0082  -0.0069 -0.0073 2   GMS A "C2'" 
38  C  "C5'" . GMS A 2 ? 0.0803 0.0995 0.0545 0.0229  -0.0088 -0.0183 2   GMS A "C5'" 
39  C  "C4'" . GMS A 2 ? 0.0679 0.0967 0.0582 0.0121  0.0083  0.0029  2   GMS A "C4'" 
40  O  "O4'" . GMS A 2 ? 0.0642 0.0764 0.0724 0.0074  0.0010  -0.0082 2   GMS A "O4'" 
41  C  "C1'" . GMS A 2 ? 0.0638 0.0707 0.0677 0.0119  -0.0053 -0.0122 2   GMS A "C1'" 
42  C  "C3'" . GMS A 2 ? 0.0660 0.1001 0.0548 0.0085  -0.0002 0.0078  2   GMS A "C3'" 
43  O  "O3'" . GMS A 2 ? 0.0652 0.0911 0.0747 0.0169  -0.0092 -0.0021 2   GMS A "O3'" 
44  P  P     . DC  A 3 ? 0.0788 0.0800 0.0753 0.0155  -0.0044 0.0005  3   DC  A P     
45  O  OP1   . DC  A 3 ? 0.0921 0.0954 0.0660 0.0056  0.0042  0.0055  3   DC  A OP1   
46  O  OP2   . DC  A 3 ? 0.1087 0.0897 0.0744 0.0190  -0.0052 -0.0066 3   DC  A OP2   
47  O  "O5'" . DC  A 3 ? 0.0672 0.1242 0.0700 -0.0049 -0.0072 0.0198  3   DC  A "O5'" 
48  C  "C5'" . DC  A 3 ? 0.0650 0.1135 0.0688 0.0112  -0.0008 0.0043  3   DC  A "C5'" 
49  C  "C4'" . DC  A 3 ? 0.0710 0.0666 0.0615 0.0030  0.0035  0.0028  3   DC  A "C4'" 
50  O  "O4'" . DC  A 3 ? 0.0774 0.0785 0.0715 -0.0237 0.0000  0.0002  3   DC  A "O4'" 
51  C  "C3'" . DC  A 3 ? 0.0706 0.0694 0.0715 -0.0152 0.0072  -0.0015 3   DC  A "C3'" 
52  O  "O3'" . DC  A 3 ? 0.0921 0.0768 0.0814 0.0077  0.0155  0.0003  3   DC  A "O3'" 
53  C  "C2'" . DC  A 3 ? 0.1144 0.0752 0.0713 -0.0062 -0.0051 0.0107  3   DC  A "C2'" 
54  C  "C1'" . DC  A 3 ? 0.0931 0.0775 0.0638 -0.0020 0.0024  0.0077  3   DC  A "C1'" 
55  N  N1    . DC  A 3 ? 0.0729 0.0683 0.0688 -0.0083 0.0036  -0.0022 3   DC  A N1    
56  C  C2    . DC  A 3 ? 0.0789 0.0804 0.0665 -0.0008 -0.0014 0.0013  3   DC  A C2    
57  O  O2    . DC  A 3 ? 0.0887 0.0775 0.0743 0.0179  0.0036  0.0061  3   DC  A O2    
58  N  N3    . DC  A 3 ? 0.0686 0.0717 0.0792 -0.0051 -0.0057 0.0048  3   DC  A N3    
59  C  C4    . DC  A 3 ? 0.0499 0.0852 0.0809 -0.0208 -0.0022 -0.0045 3   DC  A C4    
60  N  N4    . DC  A 3 ? 0.0889 0.0729 0.0923 0.0153  -0.0114 -0.0227 3   DC  A N4    
61  C  C5    . DC  A 3 ? 0.0692 0.0829 0.0820 -0.0129 0.0093  0.0076  3   DC  A C5    
62  C  C6    . DC  A 3 ? 0.0660 0.0749 0.0762 -0.0116 0.0162  0.0076  3   DC  A C6    
63  P  P     . DG  A 4 ? 0.0836 0.0772 0.0935 0.0139  0.0151  -0.0031 4   DG  A P     
64  O  OP1   . DG  A 4 ? 0.1058 0.0680 0.0953 0.0029  0.0072  0.0050  4   DG  A OP1   
65  O  OP2   . DG  A 4 ? 0.1003 0.1103 0.1110 0.0329  0.0240  0.0063  4   DG  A OP2   
66  O  "O5'" . DG  A 4 ? 0.0820 0.0676 0.1067 -0.0018 0.0079  0.0095  4   DG  A "O5'" 
67  C  "C5'" . DG  A 4 ? 0.0784 0.0839 0.0971 0.0025  -0.0112 0.0075  4   DG  A "C5'" 
68  C  "C4'" . DG  A 4 ? 0.0739 0.0886 0.0806 0.0023  -0.0032 0.0063  4   DG  A "C4'" 
69  O  "O4'" . DG  A 4 ? 0.0731 0.1089 0.0917 0.0092  0.0013  0.0140  4   DG  A "O4'" 
70  C  "C3'" . DG  A 4 ? 0.0718 0.0933 0.1114 -0.0046 -0.0121 0.0003  4   DG  A "C3'" 
71  O  "O3'" . DG  A 4 ? 0.0809 0.1088 0.0913 -0.0070 -0.0170 0.0196  4   DG  A "O3'" 
72  C  "C2'" . DG  A 4 ? 0.0936 0.1097 0.1109 0.0060  -0.0483 -0.0209 4   DG  A "C2'" 
73  C  "C1'" . DG  A 4 ? 0.1014 0.1137 0.0777 0.0148  -0.0071 -0.0041 4   DG  A "C1'" 
74  N  N9    . DG  A 4 ? 0.0770 0.0988 0.0811 -0.0012 0.0035  0.0060  4   DG  A N9    
75  C  C8    . DG  A 4 ? 0.0795 0.0726 0.0929 -0.0180 0.0150  -0.0013 4   DG  A C8    
76  N  N7    . DG  A 4 ? 0.0889 0.0677 0.0927 -0.0021 0.0071  -0.0091 4   DG  A N7    
77  C  C5    . DG  A 4 ? 0.0557 0.0800 0.0880 -0.0200 0.0009  -0.0013 4   DG  A C5    
78  C  C6    . DG  A 4 ? 0.0911 0.0830 0.0779 0.0154  -0.0084 -0.0281 4   DG  A C6    
79  O  O6    . DG  A 4 ? 0.1035 0.0817 0.0883 0.0108  0.0065  0.0016  4   DG  A O6    
80  N  N1    . DG  A 4 ? 0.0890 0.0704 0.0797 -0.0011 0.0077  0.0036  4   DG  A N1    
81  C  C2    . DG  A 4 ? 0.0693 0.0568 0.0842 -0.0203 0.0069  0.0073  4   DG  A C2    
82  N  N2    . DG  A 4 ? 0.0645 0.0926 0.0736 -0.0074 -0.0020 0.0097  4   DG  A N2    
83  N  N3    . DG  A 4 ? 0.0711 0.0711 0.0768 -0.0147 -0.0013 -0.0008 4   DG  A N3    
84  C  C4    . DG  A 4 ? 0.0461 0.1052 0.0720 -0.0216 -0.0099 -0.0046 4   DG  A C4    
85  P  P     . DC  A 5 ? 0.0666 0.1015 0.1282 0.0021  -0.0091 0.0085  5   DC  A P     
86  O  OP1   . DC  A 5 ? 0.0834 0.1171 0.1291 0.0092  -0.0097 0.0366  5   DC  A OP1   
87  O  OP2   . DC  A 5 ? 0.0730 0.2071 0.1363 0.0009  -0.0060 -0.0287 5   DC  A OP2   
88  O  "O5'" . DC  A 5 ? 0.0639 0.1334 0.1771 0.0081  0.0060  0.0678  5   DC  A "O5'" 
89  C  "C5'" . DC  A 5 ? 0.0835 0.0764 0.1274 0.0010  -0.0054 0.0250  5   DC  A "C5'" 
90  C  "C4'" . DC  A 5 ? 0.0697 0.0953 0.0958 0.0156  -0.0159 0.0182  5   DC  A "C4'" 
91  O  "O4'" . DC  A 5 ? 0.0679 0.0741 0.1084 0.0017  -0.0204 -0.0038 5   DC  A "O4'" 
92  C  "C3'" . DC  A 5 ? 0.0771 0.0835 0.1227 0.0081  -0.0213 -0.0040 5   DC  A "C3'" 
93  O  "O3'" . DC  A 5 ? 0.0941 0.0958 0.0987 0.0005  -0.0291 0.0051  5   DC  A "O3'" 
94  C  "C2'" . DC  A 5 ? 0.0814 0.0825 0.1318 0.0053  -0.0290 -0.0115 5   DC  A "C2'" 
95  C  "C1'" . DC  A 5 ? 0.0636 0.0797 0.0968 -0.0030 -0.0210 0.0120  5   DC  A "C1'" 
96  N  N1    . DC  A 5 ? 0.0713 0.0584 0.0901 -0.0078 -0.0258 0.0004  5   DC  A N1    
97  C  C2    . DC  A 5 ? 0.0706 0.0541 0.0931 -0.0032 -0.0116 0.0073  5   DC  A C2    
98  O  O2    . DC  A 5 ? 0.0682 0.0999 0.0926 0.0211  -0.0066 0.0249  5   DC  A O2    
99  N  N3    . DC  A 5 ? 0.0797 0.0586 0.0784 0.0049  -0.0043 0.0088  5   DC  A N3    
100 C  C4    . DC  A 5 ? 0.0706 0.0522 0.0858 -0.0031 -0.0135 -0.0081 5   DC  A C4    
101 N  N4    . DC  A 5 ? 0.0853 0.0737 0.0765 0.0176  0.0008  0.0010  5   DC  A N4    
102 C  C5    . DC  A 5 ? 0.1057 0.0366 0.0950 0.0130  -0.0061 0.0072  5   DC  A C5    
103 C  C6    . DC  A 5 ? 0.0656 0.0525 0.1017 -0.0103 -0.0292 0.0033  5   DC  A C6    
104 P  P     . DG  A 6 ? 0.0916 0.1151 0.1032 -0.0044 -0.0196 -0.0117 6   DG  A P     
105 O  OP1   . DG  A 6 ? 0.1384 0.1151 0.1225 -0.0112 -0.0077 -0.0476 6   DG  A OP1   
106 O  OP2   . DG  A 6 ? 0.1273 0.2248 0.0864 -0.0497 -0.0039 -0.0237 6   DG  A OP2   
107 O  "O5'" . DG  A 6 ? 0.0896 0.0905 0.1051 0.0099  -0.0195 -0.0059 6   DG  A "O5'" 
108 C  "C5'" . DG  A 6 ? 0.0923 0.0878 0.0810 -0.0043 0.0026  -0.0021 6   DG  A "C5'" 
109 C  "C4'" . DG  A 6 ? 0.1000 0.0700 0.0781 -0.0088 -0.0014 0.0090  6   DG  A "C4'" 
110 O  "O4'" . DG  A 6 ? 0.0927 0.0651 0.0821 0.0010  -0.0068 0.0112  6   DG  A "O4'" 
111 C  "C3'" . DG  A 6 ? 0.0947 0.0647 0.0738 0.0117  -0.0205 0.0159  6   DG  A "C3'" 
112 O  "O3'" . DG  A 6 ? 0.0862 0.0707 0.0896 0.0042  -0.0238 0.0129  6   DG  A "O3'" 
113 C  "C2'" . DG  A 6 ? 0.0772 0.0600 0.1006 -0.0013 -0.0047 0.0079  6   DG  A "C2'" 
114 C  "C1'" . DG  A 6 ? 0.0733 0.0589 0.0898 0.0028  -0.0035 0.0113  6   DG  A "C1'" 
115 N  N9    . DG  A 6 ? 0.0847 0.0644 0.0693 0.0134  -0.0136 0.0094  6   DG  A N9    
116 C  C8    . DG  A 6 ? 0.0770 0.0786 0.0724 0.0099  -0.0217 0.0047  6   DG  A C8    
117 N  N7    . DG  A 6 ? 0.0991 0.0844 0.0704 0.0197  -0.0007 0.0008  6   DG  A N7    
118 C  C5    . DG  A 6 ? 0.0784 0.0753 0.0741 0.0068  -0.0075 0.0089  6   DG  A C5    
119 C  C6    . DG  A 6 ? 0.0895 0.0551 0.0852 -0.0001 -0.0146 -0.0031 6   DG  A C6    
120 O  O6    . DG  A 6 ? 0.0911 0.0830 0.0840 0.0225  -0.0021 0.0019  6   DG  A O6    
121 N  N1    . DG  A 6 ? 0.0613 0.0706 0.0837 0.0061  -0.0198 0.0047  6   DG  A N1    
122 C  C2    . DG  A 6 ? 0.0619 0.0588 0.0846 -0.0084 -0.0074 0.0323  6   DG  A C2    
123 N  N2    . DG  A 6 ? 0.0837 0.0656 0.0830 0.0146  -0.0107 0.0187  6   DG  A N2    
124 N  N3    . DG  A 6 ? 0.0640 0.0671 0.0702 0.0054  -0.0085 0.0066  6   DG  A N3    
125 C  C4    . DG  A 6 ? 0.0781 0.0652 0.0789 0.0052  -0.0173 0.0123  6   DG  A C4    
126 O  "O5'" . DC  B 1 ? 0.0923 0.1137 0.0839 0.0101  -0.0196 -0.0007 107 DC  B "O5'" 
127 C  "C5'" . DC  B 1 ? 0.0890 0.0612 0.0883 0.0030  -0.0015 0.0077  107 DC  B "C5'" 
128 C  "C4'" . DC  B 1 ? 0.0817 0.0712 0.1022 0.0135  -0.0163 0.0087  107 DC  B "C4'" 
129 O  "O4'" . DC  B 1 ? 0.0908 0.0541 0.1217 -0.0027 -0.0341 0.0033  107 DC  B "O4'" 
130 C  "C3'" . DC  B 1 ? 0.0792 0.0713 0.1053 0.0145  -0.0070 0.0008  107 DC  B "C3'" 
131 O  "O3'" . DC  B 1 ? 0.0865 0.0816 0.1215 0.0189  -0.0069 -0.0174 107 DC  B "O3'" 
132 C  "C2'" . DC  B 1 ? 0.0833 0.0741 0.1207 0.0059  -0.0194 0.0083  107 DC  B "C2'" 
133 C  "C1'" . DC  B 1 ? 0.0907 0.0655 0.0997 0.0078  -0.0382 -0.0075 107 DC  B "C1'" 
134 N  N1    . DC  B 1 ? 0.0986 0.0495 0.1014 0.0129  -0.0301 -0.0003 107 DC  B N1    
135 C  C2    . DC  B 1 ? 0.0666 0.0772 0.1071 -0.0084 -0.0371 0.0016  107 DC  B C2    
136 O  O2    . DC  B 1 ? 0.0883 0.0964 0.1018 0.0160  -0.0276 0.0052  107 DC  B O2    
137 N  N3    . DC  B 1 ? 0.0843 0.0702 0.0998 -0.0022 -0.0306 0.0003  107 DC  B N3    
138 C  C4    . DC  B 1 ? 0.0826 0.0726 0.1018 -0.0061 -0.0375 -0.0106 107 DC  B C4    
139 N  N4    . DC  B 1 ? 0.1035 0.0733 0.0965 0.0154  -0.0191 -0.0197 107 DC  B N4    
140 C  C5    . DC  B 1 ? 0.1024 0.0663 0.1128 0.0143  -0.0260 -0.0109 107 DC  B C5    
141 C  C6    . DC  B 1 ? 0.0767 0.0792 0.1160 0.0071  -0.0332 -0.0073 107 DC  B C6    
142 P  P     . GMS B 2 ? 0.0778 0.1075 0.1219 0.0061  0.0093  -0.0059 108 GMS B P     
143 O  OP1   . GMS B 2 ? 0.0982 0.1073 0.1350 -0.0138 0.0254  0.0125  108 GMS B OP1   
144 SE SE    . GMS B 2 ? 0.1296 0.2099 0.1800 0.0210  0.0279  -0.0479 108 GMS B SE    
145 O  "O5'" . GMS B 2 ? 0.0990 0.0964 0.1178 -0.0038 0.0068  0.0024  108 GMS B "O5'" 
146 N  N9    . GMS B 2 ? 0.0782 0.0730 0.1174 -0.0011 -0.0175 0.0253  108 GMS B N9    
147 C  C4    . GMS B 2 ? 0.0677 0.0684 0.0969 -0.0011 -0.0103 0.0131  108 GMS B C4    
148 N  N3    . GMS B 2 ? 0.0795 0.0707 0.0747 -0.0013 -0.0070 -0.0003 108 GMS B N3    
149 C  C2    . GMS B 2 ? 0.0561 0.0628 0.0848 -0.0055 0.0016  0.0026  108 GMS B C2    
150 N  N2    . GMS B 2 ? 0.0876 0.0700 0.0718 0.0062  -0.0075 -0.0003 108 GMS B N2    
151 N  N1    . GMS B 2 ? 0.0629 0.0666 0.0861 0.0028  -0.0095 0.0060  108 GMS B N1    
152 C  C6    . GMS B 2 ? 0.0754 0.0485 0.0834 0.0007  0.0043  0.0017  108 GMS B C6    
153 O  O6    . GMS B 2 ? 0.1083 0.0946 0.0854 0.0086  0.0024  -0.0104 108 GMS B O6    
154 C  C5    . GMS B 2 ? 0.0680 0.0856 0.0991 0.0093  -0.0064 0.0054  108 GMS B C5    
155 N  N7    . GMS B 2 ? 0.0811 0.0712 0.1360 0.0124  0.0037  0.0119  108 GMS B N7    
156 C  C8    . GMS B 2 ? 0.0790 0.1166 0.1350 0.0194  -0.0316 -0.0049 108 GMS B C8    
157 C  "C2'" . GMS B 2 ? 0.1279 0.0932 0.1095 -0.0312 -0.0453 0.0307  108 GMS B "C2'" 
158 C  "C5'" . GMS B 2 ? 0.1060 0.0872 0.1144 -0.0090 0.0356  -0.0017 108 GMS B "C5'" 
159 C  "C4'" . GMS B 2 ? 0.1187 0.0815 0.1045 -0.0051 -0.0165 -0.0065 108 GMS B "C4'" 
160 O  "O4'" . GMS B 2 ? 0.0862 0.0700 0.1042 -0.0002 -0.0011 0.0064  108 GMS B "O4'" 
161 C  "C1'" . GMS B 2 ? 0.0903 0.0943 0.1206 0.0004  -0.0293 0.0368  108 GMS B "C1'" 
162 C  "C3'" . GMS B 2 ? 0.1346 0.0903 0.0891 -0.0077 -0.0535 -0.0092 108 GMS B "C3'" 
163 O  "O3'" . GMS B 2 ? 0.2001 0.0814 0.1008 -0.0178 -0.0404 -0.0062 108 GMS B "O3'" 
164 P  P     . DC  B 3 ? 0.2003 0.1001 0.1006 -0.0255 -0.0011 -0.0036 109 DC  B P     
165 O  OP1   . DC  B 3 ? 0.2831 0.1252 0.0917 -0.0514 0.0056  0.0038  109 DC  B OP1   
166 O  OP2   . DC  B 3 ? 0.1991 0.1301 0.1705 -0.0015 -0.0383 -0.0329 109 DC  B OP2   
167 O  "O5'" . DC  B 3 ? 0.2462 0.0802 0.0759 -0.0252 0.0132  -0.0145 109 DC  B "O5'" 
168 C  "C5'" . DC  B 3 ? 0.1634 0.0899 0.0724 -0.0142 0.0082  -0.0141 109 DC  B "C5'" 
169 C  "C4'" . DC  B 3 ? 0.1039 0.1097 0.0749 -0.0152 0.0018  -0.0203 109 DC  B "C4'" 
170 O  "O4'" . DC  B 3 ? 0.0954 0.0797 0.0813 -0.0343 -0.0009 0.0028  109 DC  B "O4'" 
171 C  "C3'" . DC  B 3 ? 0.1052 0.1465 0.0933 -0.0263 0.0035  -0.0497 109 DC  B "C3'" 
172 O  "O3'" . DC  B 3 ? 0.0948 0.1657 0.1292 -0.0070 -0.0135 -0.0486 109 DC  B "O3'" 
173 C  "C2'" . DC  B 3 ? 0.1007 0.1404 0.1091 -0.0471 0.0078  -0.0627 109 DC  B "C2'" 
174 C  "C1'" . DC  B 3 ? 0.1020 0.0942 0.0823 -0.0224 -0.0037 -0.0144 109 DC  B "C1'" 
175 N  N1    . DC  B 3 ? 0.1081 0.0623 0.0952 0.0120  -0.0032 0.0041  109 DC  B N1    
176 C  C2    . DC  B 3 ? 0.1114 0.0544 0.0855 -0.0044 0.0014  -0.0112 109 DC  B C2    
177 O  O2    . DC  B 3 ? 0.1038 0.0732 0.0881 0.0073  -0.0008 -0.0069 109 DC  B O2    
178 N  N3    . DC  B 3 ? 0.0982 0.0650 0.0997 0.0045  -0.0009 -0.0004 109 DC  B N3    
179 C  C4    . DC  B 3 ? 0.0754 0.0747 0.1070 -0.0078 -0.0023 -0.0002 109 DC  B C4    
180 N  N4    . DC  B 3 ? 0.0838 0.0705 0.1322 -0.0048 0.0068  -0.0036 109 DC  B N4    
181 C  C5    . DC  B 3 ? 0.0812 0.0669 0.1133 0.0023  -0.0109 0.0075  109 DC  B C5    
182 C  C6    . DC  B 3 ? 0.0915 0.0909 0.1060 -0.0016 -0.0019 0.0176  109 DC  B C6    
183 P  P     . DG  B 4 ? 0.0900 0.2201 0.1856 -0.0118 -0.0119 -0.0974 110 DG  B P     
184 O  OP1   . DG  B 4 ? 0.1550 0.3181 0.1625 -0.0938 0.0375  -0.1203 110 DG  B OP1   
185 O  OP2   . DG  B 4 ? 0.1202 0.2589 0.2803 0.0546  -0.0809 -0.1330 110 DG  B OP2   
186 O  "O5'" . DG  B 4 ? 0.1035 0.1589 0.1305 -0.0241 0.0200  -0.0520 110 DG  B "O5'" 
187 C  "C5'" . DG  B 4 ? 0.0812 0.0991 0.1156 0.0192  -0.0128 -0.0328 110 DG  B "C5'" 
188 C  "C4'" . DG  B 4 ? 0.0801 0.0893 0.0871 0.0102  0.0020  -0.0123 110 DG  B "C4'" 
189 O  "O4'" . DG  B 4 ? 0.0898 0.0764 0.0974 0.0100  0.0042  0.0050  110 DG  B "O4'" 
190 C  "C3'" . DG  B 4 ? 0.0884 0.0747 0.0670 0.0102  -0.0031 0.0005  110 DG  B "C3'" 
191 O  "O3'" . DG  B 4 ? 0.0755 0.0796 0.0621 0.0113  0.0058  0.0069  110 DG  B "O3'" 
192 C  "C2'" . DG  B 4 ? 0.0798 0.0878 0.0691 0.0210  -0.0065 -0.0035 110 DG  B "C2'" 
193 C  "C1'" . DG  B 4 ? 0.0819 0.0866 0.0608 -0.0051 0.0016  0.0235  110 DG  B "C1'" 
194 N  N9    . DG  B 4 ? 0.0844 0.0791 0.0720 0.0075  -0.0099 -0.0021 110 DG  B N9    
195 C  C8    . DG  B 4 ? 0.1044 0.1007 0.0768 0.0175  -0.0054 0.0119  110 DG  B C8    
196 N  N7    . DG  B 4 ? 0.0844 0.0733 0.0866 0.0116  -0.0249 -0.0061 110 DG  B N7    
197 C  C5    . DG  B 4 ? 0.0732 0.0715 0.0771 0.0071  -0.0074 0.0004  110 DG  B C5    
198 C  C6    . DG  B 4 ? 0.0658 0.0920 0.0841 0.0042  -0.0135 0.0003  110 DG  B C6    
199 O  O6    . DG  B 4 ? 0.0960 0.0769 0.0794 0.0002  0.0061  -0.0043 110 DG  B O6    
200 N  N1    . DG  B 4 ? 0.0744 0.0683 0.0630 -0.0085 -0.0009 -0.0015 110 DG  B N1    
201 C  C2    . DG  B 4 ? 0.0705 0.0542 0.0706 -0.0094 -0.0029 -0.0085 110 DG  B C2    
202 N  N2    . DG  B 4 ? 0.0960 0.0650 0.0674 -0.0045 -0.0262 -0.0089 110 DG  B N2    
203 N  N3    . DG  B 4 ? 0.0902 0.0667 0.0561 0.0034  -0.0104 -0.0040 110 DG  B N3    
204 C  C4    . DG  B 4 ? 0.0842 0.0653 0.0758 0.0102  -0.0161 -0.0093 110 DG  B C4    
205 P  P     . DC  B 5 ? 0.0971 0.0817 0.0726 0.0022  -0.0062 0.0000  111 DC  B P     
206 O  OP1   . DC  B 5 ? 0.1036 0.1025 0.1016 -0.0117 -0.0154 0.0173  111 DC  B OP1   
207 O  OP2   . DC  B 5 ? 0.1117 0.0952 0.1046 0.0047  0.0271  -0.0090 111 DC  B OP2   
208 O  "O5'" . DC  B 5 ? 0.0833 0.0719 0.0679 0.0069  -0.0025 0.0004  111 DC  B "O5'" 
209 C  "C5'" . DC  B 5 ? 0.0612 0.0540 0.0665 0.0219  0.0005  -0.0027 111 DC  B "C5'" 
210 C  "C4'" . DC  B 5 ? 0.0573 0.0636 0.0662 0.0155  -0.0088 -0.0026 111 DC  B "C4'" 
211 O  "O4'" . DC  B 5 ? 0.0626 0.0646 0.0729 0.0143  0.0013  -0.0082 111 DC  B "O4'" 
212 C  "C3'" . DC  B 5 ? 0.0630 0.0604 0.0666 0.0024  0.0061  0.0011  111 DC  B "C3'" 
213 O  "O3'" . DC  B 5 ? 0.0784 0.0774 0.0735 0.0152  -0.0157 -0.0001 111 DC  B "O3'" 
214 C  "C2'" . DC  B 5 ? 0.0693 0.0785 0.0494 0.0130  -0.0052 -0.0008 111 DC  B "C2'" 
215 C  "C1'" . DC  B 5 ? 0.0726 0.0480 0.0521 0.0016  0.0027  -0.0027 111 DC  B "C1'" 
216 N  N1    . DC  B 5 ? 0.0623 0.0737 0.0526 0.0101  0.0057  0.0066  111 DC  B N1    
217 C  C2    . DC  B 5 ? 0.0695 0.0500 0.0724 0.0085  -0.0017 -0.0096 111 DC  B C2    
218 O  O2    . DC  B 5 ? 0.0661 0.0739 0.0643 0.0129  0.0134  0.0075  111 DC  B O2    
219 N  N3    . DC  B 5 ? 0.0457 0.0658 0.0653 0.0000  0.0015  0.0026  111 DC  B N3    
220 C  C4    . DC  B 5 ? 0.0652 0.0805 0.0709 0.0123  0.0089  0.0076  111 DC  B C4    
221 N  N4    . DC  B 5 ? 0.0768 0.0768 0.0676 0.0152  0.0038  0.0175  111 DC  B N4    
222 C  C5    . DC  B 5 ? 0.0539 0.0961 0.0507 0.0048  -0.0030 0.0082  111 DC  B C5    
223 C  C6    . DC  B 5 ? 0.0843 0.0912 0.0565 0.0223  -0.0074 -0.0136 111 DC  B C6    
224 P  P     . DG  B 6 ? 0.0791 0.0824 0.0734 0.0192  -0.0077 -0.0065 112 DG  B P     
225 O  OP1   . DG  B 6 ? 0.0796 0.0925 0.1118 0.0062  -0.0031 -0.0098 112 DG  B OP1   
226 O  OP2   . DG  B 6 ? 0.1057 0.1146 0.0548 0.0367  -0.0002 -0.0021 112 DG  B OP2   
227 O  "O5'" . DG  B 6 ? 0.0682 0.0752 0.0817 0.0163  -0.0065 -0.0056 112 DG  B "O5'" 
228 C  "C5'" . DG  B 6 ? 0.0717 0.0894 0.0683 0.0024  0.0043  0.0125  112 DG  B "C5'" 
229 C  "C4'" . DG  B 6 ? 0.0783 0.0794 0.0642 -0.0003 0.0186  0.0131  112 DG  B "C4'" 
230 O  "O4'" . DG  B 6 ? 0.0759 0.0867 0.0730 0.0027  -0.0007 0.0120  112 DG  B "O4'" 
231 C  "C3'" . DG  B 6 ? 0.0833 0.0859 0.0833 0.0031  0.0107  0.0044  112 DG  B "C3'" 
232 O  "O3'" . DG  B 6 ? 0.1113 0.0776 0.0880 0.0176  0.0040  -0.0046 112 DG  B "O3'" 
233 C  "C2'" . DG  B 6 ? 0.0893 0.0712 0.0804 -0.0028 -0.0048 0.0016  112 DG  B "C2'" 
234 C  "C1'" . DG  B 6 ? 0.0721 0.0733 0.0835 0.0148  0.0057  -0.0076 112 DG  B "C1'" 
235 N  N9    . DG  B 6 ? 0.0840 0.0527 0.0742 0.0056  0.0046  -0.0077 112 DG  B N9    
236 C  C8    . DG  B 6 ? 0.0806 0.0965 0.0748 0.0167  0.0183  0.0022  112 DG  B C8    
237 N  N7    . DG  B 6 ? 0.1028 0.0813 0.0865 0.0158  0.0084  0.0026  112 DG  B N7    
238 C  C5    . DG  B 6 ? 0.0799 0.0578 0.0821 0.0059  0.0073  0.0055  112 DG  B C5    
239 C  C6    . DG  B 6 ? 0.0915 0.0570 0.0642 -0.0015 -0.0043 0.0047  112 DG  B C6    
240 O  O6    . DG  B 6 ? 0.1399 0.0838 0.0811 0.0429  -0.0270 -0.0033 112 DG  B O6    
241 N  N1    . DG  B 6 ? 0.0905 0.0686 0.0664 0.0139  -0.0005 -0.0017 112 DG  B N1    
242 C  C2    . DG  B 6 ? 0.0720 0.0576 0.0627 -0.0097 0.0056  0.0067  112 DG  B C2    
243 N  N2    . DG  B 6 ? 0.0810 0.0819 0.0663 0.0107  0.0165  0.0008  112 DG  B N2    
244 N  N3    . DG  B 6 ? 0.0563 0.0612 0.0771 -0.0043 0.0069  -0.0007 112 DG  B N3    
245 C  C4    . DG  B 6 ? 0.0793 0.0393 0.0796 -0.0068 0.0035  -0.0109 112 DG  B C4    
246 N  N1    . SPM C . ? 0.0946 0.1054 0.0867 0.0021  -0.0097 0.0204  201 SPM A N1    
247 C  C2    . SPM C . ? 0.1006 0.1143 0.1183 0.0027  -0.0096 0.0030  201 SPM A C2    
248 C  C3    . SPM C . ? 0.1288 0.1039 0.1188 0.0018  0.0098  0.0179  201 SPM A C3    
249 C  C4    . SPM C . ? 0.1273 0.1283 0.1370 0.0148  0.0292  0.0156  201 SPM A C4    
250 N  N5    . SPM C . ? 0.1181 0.1215 0.0921 -0.0150 0.0048  -0.0023 201 SPM A N5    
251 C  C6    . SPM C . ? 0.1687 0.1080 0.1328 -0.0206 0.0291  -0.0133 201 SPM A C6    
252 C  C7    . SPM C . ? 0.1257 0.2635 0.1972 0.0319  0.0323  -0.0682 201 SPM A C7    
253 C  C8    . SPM C . ? 0.1673 0.1727 0.1465 -0.0106 0.0099  0.0507  201 SPM A C8    
254 C  C9    . SPM C . ? 0.1490 0.2976 0.1279 -0.0324 -0.0105 0.0216  201 SPM A C9    
255 N  N10   . SPM C . ? 0.1322 0.1579 0.1134 0.0323  0.0060  -0.0003 201 SPM A N10   
256 C  C11   . SPM C . ? 0.1350 0.2093 0.1239 0.0143  -0.0109 0.0521  201 SPM A C11   
257 C  C12   . SPM C . ? 0.1759 0.1993 0.1882 -0.0156 -0.0207 0.0645  201 SPM A C12   
258 C  C13   . SPM C . ? 0.0881 0.4650 0.2207 -0.0719 -0.0322 0.0877  201 SPM A C13   
259 N  N14   . SPM C . ? 0.0846 0.5388 0.2500 0.0199  0.0068  0.1582  201 SPM A N14   
260 MG MG    . MG  D . ? 0.1410 0.1489 0.1320 -0.0114 -0.0080 0.0226  301 MG  B MG    
261 O  O     . HOH E . ? 0.1031 0.0935 0.0777 -0.0054 -0.0016 0.0045  401 HOH A O     
262 O  O     . HOH E . ? 0.0888 0.1318 0.1349 0.0001  0.0163  -0.0051 402 HOH A O     
263 O  O     . HOH E . ? 0.1226 0.1122 0.1095 0.0490  -0.0325 -0.0271 405 HOH A O     
264 O  O     . HOH E . ? 0.1000 0.0859 0.0885 0.0018  -0.0201 -0.0025 406 HOH A O     
265 O  O     . HOH E . ? 0.0870 0.0996 0.0767 0.0291  0.0048  0.0006  407 HOH A O     
266 O  O     . HOH E . ? 0.2433 0.1132 0.1029 0.0129  -0.0386 0.0100  408 HOH A O     
267 O  O     . HOH E . ? 0.1279 0.0677 0.0985 0.0280  0.0078  -0.0058 410 HOH A O     
268 O  O     . HOH E . ? 0.1327 0.1058 0.1220 0.0107  -0.0064 0.0280  411 HOH A O     
269 O  O     . HOH E . ? 0.1823 0.1575 0.1339 -0.0111 0.0063  -0.0071 415 HOH A O     
270 O  O     . HOH E . ? 0.1147 0.1415 0.1661 0.0158  -0.0109 0.0463  416 HOH A O     
271 O  O     . HOH E . ? 0.1854 0.1728 0.2750 0.0867  0.0949  0.1143  417 HOH A O     
272 O  O     . HOH E . ? 0.1412 0.1799 0.1220 0.0128  -0.0107 -0.0154 419 HOH A O     
273 O  O     . HOH E . ? 0.1258 0.1451 0.1481 -0.0391 0.0184  -0.0061 424 HOH A O     
274 O  O     . HOH E . ? 0.1999 0.2786 0.1872 0.1519  -0.0271 -0.0963 426 HOH A O     
275 O  O     . HOH E . ? 0.0919 0.4581 0.1500 0.0492  0.0390  0.1197  430 HOH A O     
276 O  O     . HOH E . ? 0.1380 0.5344 0.1113 -0.0259 0.0136  0.0272  432 HOH A O     
277 O  O     . HOH E . ? 0.1596 0.2245 0.1857 0.0023  -0.0271 -0.0065 433 HOH A O     
278 O  O     . HOH E . ? 0.1574 0.1776 0.2051 -0.0382 0.0115  -0.0511 436 HOH A O     
279 O  O     . HOH E . ? 0.2287 0.1986 0.1260 0.0707  -0.0068 0.0178  438 HOH A O     
280 O  O     . HOH E . ? 0.1730 0.2517 0.0971 0.0082  0.0159  0.0334  441 HOH A O     
281 O  O     . HOH E . ? 0.1764 0.2269 0.1768 -0.0009 0.0407  0.0557  442 HOH A O     
282 O  O     . HOH E . ? 0.2886 0.1760 0.1409 0.0112  0.0343  -0.0117 443 HOH A O     
283 O  O     . HOH E . ? 0.1667 0.1604 0.1681 0.0358  0.0380  0.0509  446 HOH A O     
284 O  O     . HOH E . ? 0.1304 0.2185 0.3401 0.0407  -0.0572 -0.0712 447 HOH A O     
285 O  O     . HOH E . ? 0.1942 0.1450 0.2264 0.0326  0.0225  -0.0494 450 HOH A O     
286 O  O     . HOH E . ? 0.3703 0.1122 0.2743 0.0113  0.0468  -0.0261 451 HOH A O     
287 O  O     . HOH E . ? 0.2290 0.3827 0.2180 -0.0670 0.0607  -0.1804 453 HOH A O     
288 O  O     . HOH E . ? 0.2047 0.2270 0.1525 -0.0079 -0.0110 -0.0357 454 HOH A O     
289 O  O     . HOH E . ? 0.2992 0.1727 0.2501 -0.0670 -0.1020 0.0639  455 HOH A O     
290 O  O     . HOH E . ? 0.1584 0.5093 0.3290 0.0005  -0.0814 0.1731  457 HOH A O     
291 O  O     . HOH E . ? 0.3671 0.3625 0.2252 -0.2265 0.0167  -0.0414 458 HOH A O     
292 O  O     . HOH E . ? 0.2722 0.3015 0.2443 -0.0103 0.0405  -0.0605 459 HOH A O     
293 O  O     . HOH E . ? 0.2552 0.6745 0.1597 0.1077  -0.0056 0.1516  460 HOH A O     
294 O  O     . HOH E . ? 0.2145 1.0235 0.2570 -0.0806 -0.0453 0.1935  461 HOH A O     
295 O  O     . HOH E . ? 0.1932 0.8026 0.5500 0.2540  -0.1996 -0.4197 463 HOH A O     
296 O  O     . HOH E . ? 0.7967 0.3375 0.3645 -0.1520 0.0831  -0.0697 464 HOH A O     
297 O  O     . HOH E . ? 0.7359 0.0906 0.9652 0.0361  0.4454  0.0023  469 HOH A O     
298 O  O     . HOH F . ? 0.1471 0.1078 0.1692 0.0052  0.0042  0.0241  403 HOH B O     
299 O  O     . HOH F . ? 0.1415 0.1227 0.0921 0.0514  -0.0125 0.0008  404 HOH B O     
300 O  O     . HOH F . ? 0.1344 0.1534 0.0683 0.0454  -0.0124 -0.0002 409 HOH B O     
301 O  O     . HOH F . ? 0.0943 0.1120 0.1357 -0.0040 0.0011  0.0040  412 HOH B O     
302 O  O     . HOH F . ? 0.1156 0.1618 0.1683 -0.0110 -0.0193 0.0184  413 HOH B O     
303 O  O     . HOH F . ? 0.0903 0.1515 0.0746 0.0159  -0.0044 0.0220  414 HOH B O     
304 O  O     . HOH F . ? 0.1261 0.1933 0.1425 -0.0419 -0.0418 0.0592  418 HOH B O     
305 O  O     . HOH F . ? 0.1305 0.3340 0.1634 0.0328  -0.0292 0.0093  420 HOH B O     
306 O  O     . HOH F . ? 0.1813 0.1774 0.1528 -0.0003 0.0472  -0.0264 421 HOH B O     
307 O  O     . HOH F . ? 0.2014 0.3586 0.3461 -0.0805 0.1044  -0.2417 422 HOH B O     
308 O  O     . HOH F . ? 0.2266 0.1496 0.1292 -0.0117 -0.0190 -0.0149 423 HOH B O     
309 O  O     . HOH F . ? 0.1145 0.1948 0.3200 0.0276  -0.0414 0.0396  425 HOH B O     
310 O  O     . HOH F . ? 0.1814 0.1795 0.1487 -0.0311 0.0057  0.0140  427 HOH B O     
311 O  O     . HOH F . ? 0.2334 0.0944 0.1409 0.0084  -0.0600 -0.0180 428 HOH B O     
312 O  O     . HOH F . ? 0.1420 0.0874 0.1901 0.0236  0.0600  0.0415  429 HOH B O     
313 O  O     . HOH F . ? 0.1932 0.1860 0.1381 0.0187  -0.0284 -0.0108 431 HOH B O     
314 O  O     . HOH F . ? 0.1096 0.1046 0.1211 -0.0054 -0.0127 0.0032  434 HOH B O     
315 O  O     . HOH F . ? 0.1030 0.1267 0.1062 0.0025  0.0043  0.0101  435 HOH B O     
316 O  O     . HOH F . ? 0.1301 0.2325 0.1345 0.0336  -0.0168 -0.0407 437 HOH B O     
317 O  O     . HOH F . ? 0.1362 0.2170 0.0918 -0.0115 -0.0030 0.0285  439 HOH B O     
318 O  O     . HOH F . ? 0.2672 0.2087 0.2846 -0.0378 0.1451  -0.1221 440 HOH B O     
319 O  O     . HOH F . ? 0.1624 0.1924 0.1514 0.0005  -0.0021 0.0188  444 HOH B O     
320 O  O     . HOH F . ? 0.1481 0.2369 0.3712 0.0839  -0.0680 -0.1359 445 HOH B O     
321 O  O     . HOH F . ? 0.2858 0.1853 0.1511 0.0245  -0.0626 -0.0127 448 HOH B O     
322 O  O     . HOH F . ? 0.1552 0.4329 0.2444 -0.0469 -0.0097 0.1591  449 HOH B O     
323 O  O     . HOH F . ? 0.2538 0.3303 0.1954 0.0001  0.0305  -0.0294 452 HOH B O     
324 O  O     . HOH F . ? 0.3803 0.3187 0.3303 -0.1966 -0.1184 0.0759  456 HOH B O     
325 O  O     . HOH F . ? 0.2129 1.0186 0.7318 -0.1623 0.2587  -0.6144 462 HOH B O     
326 O  O     . HOH F . ? 0.6252 1.0081 0.5689 -0.5405 0.4133  -0.5708 465 HOH B O     
327 O  O     . HOH F . ? 0.5236 0.2045 0.9328 0.0201  -0.0979 -0.0441 466 HOH B O     
328 O  O     . HOH F . ? 0.3240 1.0372 0.6421 -0.4220 0.2421  -0.5863 467 HOH B O     
329 O  O     . HOH F . ? 0.4687 1.2280 0.2504 -0.2152 -0.1239 0.2726  468 HOH B O     
330 O  O     . HOH F . ? 0.5772 0.5521 0.2161 0.3145  -0.0796 0.0226  470 HOH B O     
331 O  O     . HOH F . ? 0.8323 0.3014 0.3958 -0.1585 0.1493  -0.1201 471 HOH B O     
332 O  O     . HOH F . ? 0.6435 0.9187 0.3024 -0.2169 -0.2202 0.2442  472 HOH B O     
333 O  O     . HOH F . ? 0.1840 0.4603 1.7744 0.0862  -0.2051 -0.6377 473 HOH B O     
# 
